data_9VP6
#
_entry.id   9VP6
#
_cell.length_a   193.396
_cell.length_b   92.381
_cell.length_c   70.628
_cell.angle_alpha   90.000
_cell.angle_beta   94.435
_cell.angle_gamma   90.000
#
_symmetry.space_group_name_H-M   'C 1 2 1'
#
loop_
_entity.id
_entity.type
_entity.pdbx_description
1 polymer 'Glucose-6-phosphate 1-dehydrogenase'
2 non-polymer 6-O-phosphono-beta-D-glucopyranose
3 non-polymer GLYCEROL
4 non-polymer 1,2-ETHANEDIOL
5 non-polymer DI(HYDROXYETHYL)ETHER
6 water water
#
_entity_poly.entity_id   1
_entity_poly.type   'polypeptide(L)'
_entity_poly.pdbx_seq_one_letter_code
;MGSSHHHHHHSSGLVPRGSHMASMTGGQQMGRGSMSEEQSHADQDAYVADVDGILDVLRAQVLERKPDDIFQFISKSALS
LQKDRGAESCDRINCKVKDEQKSRALTIIVFGASGDLAKKKTFPALFDLYCGGLLPPEVNIIGYARTKVDDVEKWKHETL
MKYFSNLSERGCHAEDFLKHISYFCGAYDSVDDFKRLDAVIREKENAFKGPEKGGNRLFYLALPPSVFASVCESIHKGAM
PQEVGGWVRVIIEKPFGRDTKSSAELSQALEPFFDESQLYRIDHYLGKEMVQNIITTRFANRIFSAVWNASNIACVQITF
KETIGTEGRGGYFDSIGIIRDVMQNHLTQILALLAMEKPRSLDAECIRDEKVSVLKCIEPITKENCVLGQYTASADGSIP
GYLEDVTVPEGSTCPTFAVMRLNINNDRWAGVPFILKAGKAVEQKYVAIRIQFRDEVHPYGEATQRNELVIRAQPSEAMY
VKITTKVPGLSGDLRQTHQTELDLTYHTRYDVRLPDAYESLINDALLGNSTNFVRKDELDVAWRIFTPLLHQIDSGEIKP
IPYQAGTRGPKEADEFIANNGFKHQKGYHWLPSNKL
;
_entity_poly.pdbx_strand_id   A,B
#
loop_
_chem_comp.id
_chem_comp.type
_chem_comp.name
_chem_comp.formula
BG6 D-saccharide, beta linking 6-O-phosphono-beta-D-glucopyranose 'C6 H13 O9 P'
EDO non-polymer 1,2-ETHANEDIOL 'C2 H6 O2'
GOL non-polymer GLYCEROL 'C3 H8 O3'
PEG non-polymer DI(HYDROXYETHYL)ETHER 'C4 H10 O3'
#
# COMPACT_ATOMS: atom_id res chain seq x y z
N GLN A 44 20.26 20.81 13.40
CA GLN A 44 21.05 21.62 12.43
C GLN A 44 20.69 21.23 11.00
N ASP A 45 20.83 19.93 10.71
CA ASP A 45 20.78 19.40 9.35
C ASP A 45 19.43 18.78 9.04
N ALA A 46 18.60 18.53 10.08
CA ALA A 46 17.38 17.76 9.95
C ALA A 46 16.25 18.59 9.36
N TYR A 47 16.47 19.91 9.19
CA TYR A 47 15.59 20.75 8.42
C TYR A 47 15.61 20.29 6.96
N VAL A 48 16.82 20.24 6.38
CA VAL A 48 17.02 20.03 4.95
C VAL A 48 16.59 18.60 4.61
N ALA A 49 16.97 17.62 5.45
CA ALA A 49 16.65 16.23 5.19
C ALA A 49 15.13 16.06 5.11
N ASP A 50 14.41 16.99 5.75
CA ASP A 50 12.96 17.08 5.66
C ASP A 50 12.57 17.83 4.38
N VAL A 51 13.25 18.95 4.11
CA VAL A 51 12.91 19.87 3.04
C VAL A 51 12.90 19.16 1.69
N ASP A 52 14.03 18.57 1.29
CA ASP A 52 14.07 17.89 0.00
C ASP A 52 13.46 16.49 0.15
N GLY A 53 13.23 16.05 1.39
CA GLY A 53 12.28 14.98 1.64
C GLY A 53 10.87 15.36 1.15
N ILE A 54 10.56 16.66 1.21
CA ILE A 54 9.29 17.19 0.73
C ILE A 54 9.36 17.35 -0.79
N LEU A 55 10.50 17.83 -1.30
CA LEU A 55 10.63 18.06 -2.73
C LEU A 55 10.53 16.72 -3.47
N ASP A 56 11.03 15.64 -2.84
CA ASP A 56 10.93 14.29 -3.38
C ASP A 56 9.47 13.85 -3.53
N VAL A 57 8.58 14.25 -2.62
CA VAL A 57 7.18 13.87 -2.74
C VAL A 57 6.54 14.69 -3.86
N LEU A 58 6.90 15.97 -3.95
CA LEU A 58 6.39 16.81 -5.02
C LEU A 58 6.92 16.29 -6.36
N ARG A 59 8.22 15.95 -6.38
CA ARG A 59 8.85 15.31 -7.52
C ARG A 59 7.99 14.14 -7.99
N ALA A 60 7.78 13.16 -7.11
CA ALA A 60 7.11 11.93 -7.48
C ALA A 60 5.68 12.18 -7.96
N GLN A 61 5.04 13.23 -7.42
CA GLN A 61 3.64 13.52 -7.72
C GLN A 61 3.51 14.11 -9.11
N VAL A 62 4.42 15.04 -9.46
CA VAL A 62 4.39 15.72 -10.74
C VAL A 62 4.68 14.75 -11.89
N LEU A 63 5.66 13.85 -11.69
CA LEU A 63 6.03 12.87 -12.70
C LEU A 63 4.94 11.83 -12.89
N GLU A 64 4.03 11.72 -11.91
CA GLU A 64 3.02 10.68 -11.92
C GLU A 64 1.73 11.19 -12.56
N ARG A 65 1.41 12.48 -12.37
CA ARG A 65 0.20 13.04 -12.96
C ARG A 65 0.54 13.71 -14.29
N LYS A 66 1.78 14.22 -14.40
CA LYS A 66 2.25 14.85 -15.64
C LYS A 66 1.39 16.04 -16.00
N PRO A 67 1.24 17.05 -15.10
CA PRO A 67 0.29 18.15 -15.31
C PRO A 67 0.32 18.76 -16.72
N ASP A 69 -0.35 23.05 -15.65
CA ASP A 69 0.80 23.94 -15.28
C ASP A 69 1.59 23.26 -14.17
N ILE A 70 2.88 22.94 -14.44
CA ILE A 70 3.74 22.33 -13.45
C ILE A 70 3.68 23.15 -12.16
N PHE A 71 3.71 24.48 -12.32
CA PHE A 71 3.69 25.41 -11.20
C PHE A 71 2.41 25.27 -10.39
N GLN A 72 1.25 25.39 -11.06
CA GLN A 72 -0.05 25.35 -10.39
C GLN A 72 -0.26 24.02 -9.66
N PHE A 73 0.35 22.93 -10.16
CA PHE A 73 0.18 21.63 -9.55
C PHE A 73 1.07 21.56 -8.29
N ILE A 74 2.28 22.14 -8.35
CA ILE A 74 3.17 22.19 -7.20
C ILE A 74 2.51 22.97 -6.08
N SER A 75 1.91 24.13 -6.42
CA SER A 75 1.21 24.96 -5.44
C SER A 75 0.08 24.15 -4.84
N LYS A 76 -0.81 23.65 -5.70
CA LYS A 76 -1.90 22.80 -5.28
C LYS A 76 -1.38 21.72 -4.33
N SER A 77 -0.29 21.05 -4.69
CA SER A 77 0.20 19.88 -3.96
C SER A 77 0.78 20.27 -2.60
N ALA A 78 1.32 21.49 -2.50
CA ALA A 78 1.86 22.02 -1.26
C ALA A 78 0.73 22.42 -0.30
N LEU A 79 -0.28 23.14 -0.84
CA LEU A 79 -1.43 23.56 -0.06
C LEU A 79 -2.06 22.38 0.66
N SER A 80 -2.13 21.22 -0.01
CA SER A 80 -2.77 20.02 0.51
C SER A 80 -1.73 19.06 1.08
N LEU A 81 -0.85 19.58 1.95
CA LEU A 81 0.15 18.76 2.59
C LEU A 81 0.44 19.36 3.97
N GLN A 82 -0.63 19.63 4.73
CA GLN A 82 -0.56 20.40 5.96
C GLN A 82 -0.71 19.47 7.19
N GLU A 88 53.61 -14.21 -2.80
CA GLU A 88 53.85 -14.01 -1.36
C GLU A 88 54.33 -12.59 -1.12
N SER A 89 53.55 -11.81 -0.36
CA SER A 89 53.85 -10.41 -0.10
C SER A 89 53.49 -10.02 1.35
N CYS A 90 52.32 -10.48 1.83
CA CYS A 90 51.85 -10.26 3.19
C CYS A 90 51.57 -8.77 3.43
N ASP A 91 50.65 -8.22 2.62
CA ASP A 91 50.20 -6.84 2.75
C ASP A 91 49.65 -6.64 4.17
N ARG A 92 50.11 -5.58 4.84
CA ARG A 92 49.63 -5.22 6.17
C ARG A 92 48.38 -4.36 6.04
N ILE A 93 47.68 -4.16 7.17
CA ILE A 93 46.36 -3.57 7.18
C ILE A 93 46.46 -2.05 7.11
N ASN A 94 45.81 -1.46 6.08
CA ASN A 94 45.62 -0.02 5.93
C ASN A 94 44.16 0.35 6.20
N CYS A 95 43.95 1.13 7.28
CA CYS A 95 42.62 1.50 7.74
C CYS A 95 41.93 2.41 6.71
N LYS A 96 40.77 1.99 6.20
CA LYS A 96 40.06 2.78 5.19
C LYS A 96 38.74 3.28 5.78
N VAL A 97 38.58 3.11 7.09
CA VAL A 97 37.35 3.45 7.79
C VAL A 97 37.25 4.97 7.96
N LYS A 98 36.03 5.48 8.09
CA LYS A 98 35.75 6.91 8.23
C LYS A 98 35.84 7.34 9.69
N ASP A 99 35.74 8.65 9.92
CA ASP A 99 35.82 9.25 11.25
C ASP A 99 34.73 8.70 12.16
N GLU A 100 33.49 8.66 11.65
CA GLU A 100 32.32 8.28 12.43
C GLU A 100 32.41 6.83 12.93
N GLN A 101 33.03 5.94 12.15
CA GLN A 101 33.10 4.52 12.45
C GLN A 101 34.10 4.20 13.57
N LYS A 102 35.07 5.11 13.81
CA LYS A 102 36.08 4.88 14.84
C LYS A 102 35.86 5.80 16.03
N SER A 103 34.62 6.30 16.16
CA SER A 103 34.26 7.27 17.19
C SER A 103 33.34 6.66 18.26
N ARG A 104 32.97 5.38 18.09
CA ARG A 104 31.98 4.75 18.94
C ARG A 104 32.22 3.24 18.92
N ALA A 105 31.88 2.54 19.99
CA ALA A 105 32.02 1.09 19.96
C ALA A 105 31.16 0.51 18.83
N LEU A 106 31.69 -0.55 18.23
CA LEU A 106 30.94 -1.36 17.29
C LEU A 106 30.97 -2.80 17.76
N THR A 107 29.80 -3.43 17.81
CA THR A 107 29.70 -4.85 18.04
C THR A 107 28.92 -5.53 16.90
N ILE A 108 29.47 -6.65 16.44
CA ILE A 108 28.84 -7.47 15.42
C ILE A 108 28.51 -8.82 16.06
N ILE A 109 27.20 -9.14 16.14
CA ILE A 109 26.77 -10.41 16.70
C ILE A 109 26.25 -11.29 15.58
N VAL A 110 26.94 -12.40 15.36
CA VAL A 110 26.61 -13.34 14.32
C VAL A 110 25.86 -14.51 14.97
N PHE A 111 24.54 -14.47 14.86
CA PHE A 111 23.66 -15.54 15.28
C PHE A 111 23.79 -16.75 14.36
N GLY A 112 23.59 -17.94 14.94
CA GLY A 112 23.79 -19.19 14.24
C GLY A 112 25.26 -19.41 13.92
N ALA A 113 26.15 -19.10 14.88
CA ALA A 113 27.58 -18.99 14.61
C ALA A 113 28.24 -20.33 14.26
N SER A 114 27.61 -21.46 14.63
CA SER A 114 28.13 -22.78 14.29
C SER A 114 27.47 -23.36 13.04
N GLY A 115 26.49 -22.63 12.45
CA GLY A 115 25.90 -23.00 11.18
C GLY A 115 26.93 -22.93 10.04
N ASP A 116 26.68 -23.66 8.96
CA ASP A 116 27.55 -23.68 7.79
C ASP A 116 27.64 -22.29 7.15
N LEU A 117 26.55 -21.53 7.17
CA LEU A 117 26.55 -20.21 6.56
C LEU A 117 27.52 -19.30 7.33
N ALA A 118 27.37 -19.28 8.66
CA ALA A 118 28.15 -18.41 9.50
C ALA A 118 29.64 -18.75 9.36
N LYS A 119 29.98 -20.04 9.47
CA LYS A 119 31.34 -20.44 9.70
C LYS A 119 32.12 -20.46 8.38
N LYS A 120 31.45 -20.71 7.25
CA LYS A 120 32.14 -20.85 5.99
C LYS A 120 32.02 -19.60 5.11
N LYS A 121 31.14 -18.65 5.46
CA LYS A 121 30.90 -17.50 4.60
C LYS A 121 31.03 -16.19 5.38
N THR A 122 30.32 -16.07 6.52
CA THR A 122 30.19 -14.79 7.18
C THR A 122 31.46 -14.44 7.96
N PHE A 123 31.95 -15.38 8.77
CA PHE A 123 33.17 -15.17 9.54
C PHE A 123 34.34 -14.94 8.61
N PRO A 124 34.57 -15.84 7.63
CA PRO A 124 35.59 -15.60 6.60
C PRO A 124 35.49 -14.27 5.88
N ALA A 125 34.27 -13.73 5.75
CA ALA A 125 34.06 -12.51 5.01
C ALA A 125 34.40 -11.32 5.90
N LEU A 126 34.04 -11.43 7.18
CA LEU A 126 34.44 -10.45 8.18
C LEU A 126 35.97 -10.47 8.34
N PHE A 127 36.58 -11.65 8.18
CA PHE A 127 38.04 -11.77 8.24
C PHE A 127 38.66 -10.98 7.09
N ASP A 128 38.09 -11.12 5.88
CA ASP A 128 38.57 -10.43 4.71
C ASP A 128 38.38 -8.92 4.87
N LEU A 129 37.26 -8.47 5.45
CA LEU A 129 37.05 -7.04 5.71
C LEU A 129 38.11 -6.54 6.70
N TYR A 130 38.33 -7.30 7.76
CA TYR A 130 39.33 -6.95 8.77
C TYR A 130 40.69 -6.70 8.11
N CYS A 131 41.16 -7.66 7.30
CA CYS A 131 42.42 -7.57 6.59
C CYS A 131 42.41 -6.39 5.60
N GLY A 132 41.27 -6.18 4.92
CA GLY A 132 41.10 -5.03 4.04
C GLY A 132 40.96 -3.71 4.79
N GLY A 133 40.97 -3.76 6.12
CA GLY A 133 40.91 -2.57 6.95
C GLY A 133 39.54 -1.87 6.86
N LEU A 134 38.45 -2.64 6.77
CA LEU A 134 37.13 -2.01 6.66
C LEU A 134 36.28 -2.27 7.91
N LEU A 135 36.87 -2.86 8.95
CA LEU A 135 36.29 -2.91 10.29
C LEU A 135 37.04 -1.93 11.21
N PRO A 136 36.35 -1.20 12.12
CA PRO A 136 37.04 -0.33 13.08
C PRO A 136 38.11 -1.08 13.87
N PRO A 137 39.21 -0.41 14.29
CA PRO A 137 40.29 -1.06 15.03
C PRO A 137 39.86 -1.98 16.17
N GLU A 138 38.95 -1.51 17.03
CA GLU A 138 38.60 -2.24 18.24
C GLU A 138 37.24 -2.93 18.09
N VAL A 139 36.97 -3.50 16.91
CA VAL A 139 35.66 -4.09 16.65
C VAL A 139 35.46 -5.30 17.57
N ASN A 140 34.22 -5.46 18.03
CA ASN A 140 33.81 -6.59 18.86
C ASN A 140 32.87 -7.49 18.06
N ILE A 141 33.26 -8.76 17.88
CA ILE A 141 32.49 -9.77 17.17
C ILE A 141 32.04 -10.85 18.16
N ILE A 142 30.72 -11.06 18.28
CA ILE A 142 30.23 -12.16 19.11
C ILE A 142 29.60 -13.23 18.22
N GLY A 143 30.04 -14.47 18.44
CA GLY A 143 29.43 -15.64 17.82
C GLY A 143 28.40 -16.21 18.77
N TYR A 144 27.11 -16.11 18.40
CA TYR A 144 26.02 -16.59 19.20
C TYR A 144 25.46 -17.89 18.63
N ALA A 145 25.39 -18.94 19.49
CA ALA A 145 24.82 -20.23 19.13
C ALA A 145 24.20 -20.93 20.35
N ARG A 146 23.55 -22.07 20.10
CA ARG A 146 22.85 -22.83 21.13
C ARG A 146 23.81 -23.74 21.89
N THR A 147 24.72 -24.43 21.19
CA THR A 147 25.51 -25.50 21.77
C THR A 147 26.49 -24.95 22.81
N LYS A 148 26.50 -25.59 23.99
CA LYS A 148 27.42 -25.30 25.07
C LYS A 148 28.86 -25.59 24.61
N VAL A 149 29.76 -24.61 24.81
CA VAL A 149 31.14 -24.77 24.38
C VAL A 149 32.05 -24.56 25.59
N ASP A 150 32.68 -25.66 26.04
CA ASP A 150 33.55 -25.65 27.21
C ASP A 150 34.84 -24.92 26.88
N ASP A 151 35.34 -25.13 25.65
CA ASP A 151 36.64 -24.65 25.21
C ASP A 151 36.45 -23.67 24.05
N VAL A 152 36.34 -22.37 24.36
CA VAL A 152 35.93 -21.37 23.40
C VAL A 152 37.05 -21.04 22.40
N GLU A 153 38.32 -21.18 22.83
CA GLU A 153 39.45 -20.82 21.99
C GLU A 153 39.78 -21.96 21.02
N LYS A 154 39.47 -23.19 21.41
CA LYS A 154 39.58 -24.30 20.47
C LYS A 154 38.50 -24.11 19.40
N TRP A 155 37.28 -23.79 19.85
CA TRP A 155 36.15 -23.56 18.95
C TRP A 155 36.57 -22.64 17.82
N LYS A 156 37.21 -21.51 18.18
CA LYS A 156 37.62 -20.51 17.20
C LYS A 156 38.61 -21.10 16.20
N HIS A 157 39.48 -22.01 16.68
CA HIS A 157 40.44 -22.68 15.82
C HIS A 157 39.75 -23.66 14.87
N GLU A 158 38.90 -24.54 15.42
CA GLU A 158 38.33 -25.63 14.63
C GLU A 158 37.21 -25.10 13.75
N THR A 159 36.23 -24.42 14.34
CA THR A 159 35.01 -24.05 13.63
C THR A 159 35.27 -22.91 12.64
N LEU A 160 35.97 -21.85 13.08
CA LEU A 160 36.08 -20.62 12.31
C LEU A 160 37.36 -20.54 11.47
N MET A 161 38.53 -20.68 12.11
CA MET A 161 39.77 -20.27 11.47
C MET A 161 40.11 -21.16 10.26
N LYS A 162 39.68 -22.42 10.29
CA LYS A 162 39.95 -23.33 9.17
C LYS A 162 39.19 -22.91 7.90
N TYR A 163 38.29 -21.92 7.99
CA TYR A 163 37.56 -21.47 6.81
C TYR A 163 38.08 -20.11 6.32
N PHE A 164 38.90 -19.43 7.13
CA PHE A 164 39.53 -18.20 6.71
C PHE A 164 40.47 -18.52 5.55
N SER A 165 40.61 -17.58 4.60
CA SER A 165 41.49 -17.82 3.47
C SER A 165 42.92 -17.99 4.00
N ASN A 166 43.57 -19.07 3.57
CA ASN A 166 44.96 -19.35 3.87
C ASN A 166 45.88 -18.59 2.91
N LEU A 167 45.32 -17.89 1.92
CA LEU A 167 46.05 -17.00 1.02
C LEU A 167 47.21 -16.31 1.74
N SER A 168 48.38 -16.25 1.08
CA SER A 168 49.63 -15.84 1.71
C SER A 168 49.55 -14.43 2.27
N GLU A 169 48.93 -13.52 1.52
CA GLU A 169 48.77 -12.12 1.89
C GLU A 169 48.00 -11.95 3.22
N ARG A 170 47.06 -12.85 3.50
CA ARG A 170 46.12 -12.68 4.60
C ARG A 170 46.49 -13.55 5.80
N GLY A 171 47.18 -14.66 5.54
CA GLY A 171 47.43 -15.71 6.53
C GLY A 171 47.87 -15.16 7.88
N CYS A 172 48.71 -14.12 7.84
CA CYS A 172 49.36 -13.53 9.00
C CYS A 172 48.37 -12.92 10.02
N HIS A 173 47.15 -12.57 9.59
CA HIS A 173 46.25 -11.80 10.45
C HIS A 173 45.24 -12.68 11.19
N ALA A 174 45.15 -13.98 10.84
CA ALA A 174 44.15 -14.88 11.40
C ALA A 174 44.06 -14.78 12.92
N GLU A 175 45.18 -15.08 13.62
CA GLU A 175 45.25 -15.08 15.07
C GLU A 175 44.86 -13.72 15.66
N ASP A 176 45.25 -12.64 15.00
CA ASP A 176 44.96 -11.30 15.48
C ASP A 176 43.46 -11.03 15.40
N PHE A 177 42.83 -11.49 14.31
CA PHE A 177 41.38 -11.35 14.17
C PHE A 177 40.66 -12.20 15.22
N LEU A 178 41.20 -13.38 15.53
CA LEU A 178 40.57 -14.24 16.52
C LEU A 178 40.46 -13.57 17.88
N LYS A 179 41.29 -12.55 18.16
CA LYS A 179 41.21 -11.79 19.41
C LYS A 179 39.87 -11.07 19.55
N HIS A 180 39.34 -10.63 18.41
CA HIS A 180 38.16 -9.78 18.37
C HIS A 180 36.88 -10.61 18.42
N ILE A 181 37.00 -11.93 18.60
CA ILE A 181 35.83 -12.78 18.58
C ILE A 181 35.71 -13.50 19.91
N SER A 182 34.49 -13.47 20.47
CA SER A 182 34.06 -14.30 21.58
C SER A 182 32.90 -15.20 21.15
N TYR A 183 32.75 -16.33 21.84
CA TYR A 183 31.57 -17.15 21.72
C TYR A 183 30.55 -16.74 22.80
N PHE A 184 29.26 -16.97 22.51
CA PHE A 184 28.20 -16.84 23.49
C PHE A 184 27.19 -17.96 23.25
N CYS A 185 26.76 -18.59 24.34
CA CYS A 185 25.84 -19.70 24.29
C CYS A 185 24.46 -19.26 24.76
N GLY A 186 23.44 -19.45 23.92
CA GLY A 186 22.11 -18.99 24.27
C GLY A 186 21.05 -19.52 23.31
N ALA A 187 19.79 -19.32 23.71
CA ALA A 187 18.62 -19.63 22.89
C ALA A 187 18.22 -18.39 22.10
N TYR A 188 17.27 -18.57 21.17
CA TYR A 188 16.81 -17.48 20.32
C TYR A 188 15.40 -17.05 20.73
N ASP A 189 15.02 -17.22 22.00
CA ASP A 189 13.74 -16.72 22.48
C ASP A 189 13.72 -16.47 23.98
N SER A 190 14.69 -17.02 24.74
CA SER A 190 14.73 -16.84 26.19
C SER A 190 15.16 -15.40 26.53
N VAL A 191 14.30 -14.68 27.25
CA VAL A 191 14.47 -13.25 27.46
C VAL A 191 15.73 -13.00 28.28
N ASP A 192 16.09 -13.97 29.12
CA ASP A 192 17.22 -13.84 30.02
C ASP A 192 18.54 -14.02 29.26
N ASP A 193 18.53 -14.85 28.21
CA ASP A 193 19.71 -15.08 27.39
C ASP A 193 20.12 -13.78 26.69
N PHE A 194 19.16 -12.90 26.39
CA PHE A 194 19.47 -11.65 25.72
C PHE A 194 19.81 -10.55 26.73
N LYS A 195 19.30 -10.65 27.96
CA LYS A 195 19.71 -9.77 29.03
C LYS A 195 21.20 -9.99 29.31
N ARG A 196 21.60 -11.26 29.31
CA ARG A 196 22.98 -11.62 29.56
C ARG A 196 23.82 -11.12 28.38
N LEU A 197 23.41 -11.45 27.15
CA LEU A 197 24.07 -10.92 25.97
C LEU A 197 24.23 -9.40 26.11
N ASP A 198 23.16 -8.70 26.45
CA ASP A 198 23.23 -7.26 26.59
C ASP A 198 24.41 -6.91 27.49
N ALA A 199 24.53 -7.61 28.63
CA ALA A 199 25.51 -7.24 29.64
C ALA A 199 26.93 -7.55 29.14
N VAL A 200 27.12 -8.72 28.49
CA VAL A 200 28.38 -9.01 27.84
C VAL A 200 28.73 -7.94 26.81
N ILE A 201 27.73 -7.48 26.04
CA ILE A 201 27.94 -6.46 25.02
C ILE A 201 28.30 -5.13 25.68
N ARG A 202 27.53 -4.72 26.69
CA ARG A 202 27.71 -3.43 27.35
C ARG A 202 29.09 -3.30 28.03
N GLU A 203 29.67 -4.42 28.48
CA GLU A 203 31.02 -4.42 29.04
C GLU A 203 32.00 -3.86 28.00
N LYS A 204 31.98 -4.45 26.80
CA LYS A 204 32.91 -4.12 25.73
C LYS A 204 32.71 -2.69 25.23
N GLU A 205 31.48 -2.17 25.36
CA GLU A 205 31.15 -0.84 24.85
C GLU A 205 31.71 0.24 25.77
N ASN A 206 31.81 -0.05 27.08
CA ASN A 206 32.31 0.94 28.03
C ASN A 206 33.83 0.80 28.18
N ALA A 207 34.40 -0.33 27.74
CA ALA A 207 35.85 -0.50 27.67
C ALA A 207 36.43 0.17 26.43
N PHE A 208 35.57 0.77 25.61
CA PHE A 208 35.98 1.51 24.43
C PHE A 208 36.35 2.93 24.84
N LYS A 209 37.55 3.36 24.43
CA LYS A 209 38.03 4.70 24.75
C LYS A 209 38.00 5.53 23.47
N GLY A 210 36.96 6.35 23.34
CA GLY A 210 36.74 7.15 22.14
C GLY A 210 35.75 8.28 22.38
N PRO A 211 35.56 9.19 21.40
CA PRO A 211 34.77 10.40 21.60
C PRO A 211 33.30 10.20 21.93
N GLU A 212 32.66 9.19 21.33
CA GLU A 212 31.23 9.00 21.48
C GLU A 212 30.95 7.94 22.54
N LYS A 213 29.82 8.09 23.25
CA LYS A 213 29.38 7.11 24.23
C LYS A 213 28.53 6.03 23.55
N GLY A 214 28.32 4.93 24.26
CA GLY A 214 27.40 3.89 23.82
C GLY A 214 28.08 2.92 22.85
N GLY A 215 27.30 2.43 21.88
CA GLY A 215 27.80 1.45 20.93
C GLY A 215 26.83 1.18 19.79
N ASN A 216 27.38 1.10 18.57
CA ASN A 216 26.61 0.62 17.42
C ASN A 216 26.55 -0.89 17.46
N ARG A 217 25.40 -1.44 17.06
CA ARG A 217 25.20 -2.88 17.12
C ARG A 217 24.67 -3.41 15.77
N LEU A 218 25.43 -4.34 15.19
CA LEU A 218 25.02 -5.05 13.98
C LEU A 218 24.66 -6.48 14.34
N PHE A 219 23.38 -6.85 14.09
CA PHE A 219 22.90 -8.18 14.36
C PHE A 219 22.80 -8.97 13.06
N TYR A 220 23.65 -9.99 12.94
CA TYR A 220 23.70 -10.79 11.72
C TYR A 220 22.94 -12.08 11.97
N LEU A 221 21.76 -12.21 11.34
CA LEU A 221 20.93 -13.39 11.52
C LEU A 221 21.32 -14.45 10.50
N ALA A 222 22.40 -15.19 10.80
CA ALA A 222 22.84 -16.31 9.98
C ALA A 222 22.06 -17.55 10.37
N LEU A 223 20.74 -17.46 10.22
CA LEU A 223 19.81 -18.38 10.83
C LEU A 223 18.78 -18.81 9.80
N PRO A 224 18.07 -19.94 10.07
CA PRO A 224 16.89 -20.31 9.30
C PRO A 224 15.84 -19.22 9.42
N PRO A 225 15.15 -18.87 8.32
CA PRO A 225 14.12 -17.84 8.36
C PRO A 225 13.04 -18.03 9.42
N SER A 226 12.81 -19.28 9.83
CA SER A 226 11.73 -19.58 10.76
C SER A 226 11.99 -18.94 12.12
N VAL A 227 13.25 -18.58 12.45
CA VAL A 227 13.53 -18.00 13.76
C VAL A 227 13.71 -16.49 13.70
N PHE A 228 13.61 -15.86 12.52
CA PHE A 228 13.94 -14.45 12.40
C PHE A 228 13.08 -13.59 13.33
N ALA A 229 11.75 -13.75 13.28
CA ALA A 229 10.85 -12.94 14.09
C ALA A 229 11.19 -13.07 15.58
N SER A 230 11.43 -14.31 16.03
CA SER A 230 11.66 -14.59 17.42
C SER A 230 12.94 -13.91 17.89
N VAL A 231 14.03 -14.05 17.12
CA VAL A 231 15.27 -13.35 17.45
C VAL A 231 15.04 -11.84 17.41
N CYS A 232 14.30 -11.33 16.40
CA CYS A 232 14.15 -9.89 16.24
C CYS A 232 13.38 -9.31 17.42
N GLU A 233 12.29 -9.96 17.83
CA GLU A 233 11.59 -9.57 19.05
C GLU A 233 12.53 -9.64 20.25
N SER A 234 13.31 -10.72 20.35
CA SER A 234 14.21 -10.94 21.46
C SER A 234 15.25 -9.83 21.55
N ILE A 235 15.73 -9.33 20.40
CA ILE A 235 16.66 -8.21 20.38
C ILE A 235 15.93 -6.95 20.82
N HIS A 236 14.69 -6.78 20.36
CA HIS A 236 13.93 -5.56 20.58
C HIS A 236 13.73 -5.29 22.07
N LYS A 237 13.43 -6.34 22.84
CA LYS A 237 13.12 -6.20 24.26
C LYS A 237 14.36 -6.38 25.14
N GLY A 238 15.48 -6.85 24.59
CA GLY A 238 16.54 -7.39 25.43
C GLY A 238 17.94 -6.82 25.18
N ALA A 239 18.17 -6.15 24.04
CA ALA A 239 19.55 -5.83 23.69
C ALA A 239 19.67 -4.72 22.65
N MET A 240 18.74 -3.76 22.63
CA MET A 240 18.91 -2.65 21.71
C MET A 240 20.13 -1.86 22.16
N PRO A 241 20.71 -0.97 21.33
CA PRO A 241 21.82 -0.13 21.77
C PRO A 241 21.41 0.76 22.94
N GLN A 242 22.39 1.19 23.74
CA GLN A 242 22.13 2.04 24.88
C GLN A 242 21.51 3.33 24.36
N GLU A 243 20.55 3.89 25.11
CA GLU A 243 19.87 5.11 24.69
C GLU A 243 20.87 6.25 24.51
N VAL A 244 22.00 6.18 25.24
CA VAL A 244 23.00 7.24 25.16
C VAL A 244 23.43 7.42 23.70
N GLY A 245 23.55 6.33 22.93
CA GLY A 245 23.90 6.46 21.52
C GLY A 245 24.30 5.15 20.85
N GLY A 246 24.20 5.12 19.52
CA GLY A 246 24.38 3.88 18.77
C GLY A 246 23.16 3.54 17.92
N TRP A 247 23.42 3.03 16.70
CA TRP A 247 22.37 2.53 15.84
C TRP A 247 22.30 1.02 16.00
N VAL A 248 21.13 0.47 15.67
CA VAL A 248 20.95 -0.97 15.53
C VAL A 248 20.59 -1.29 14.07
N ARG A 249 21.22 -2.32 13.54
CA ARG A 249 20.95 -2.77 12.17
C ARG A 249 20.93 -4.29 12.18
N VAL A 250 20.08 -4.85 11.31
CA VAL A 250 19.83 -6.28 11.29
C VAL A 250 19.99 -6.77 9.86
N ILE A 251 20.84 -7.79 9.67
CA ILE A 251 21.07 -8.40 8.38
C ILE A 251 20.33 -9.73 8.36
N ILE A 252 19.44 -9.93 7.36
CA ILE A 252 18.73 -11.19 7.30
C ILE A 252 19.05 -11.83 5.95
N GLU A 253 18.98 -13.17 5.96
CA GLU A 253 19.44 -14.04 4.91
C GLU A 253 18.24 -14.68 4.24
N LYS A 254 18.44 -15.15 3.01
CA LYS A 254 17.34 -15.69 2.23
C LYS A 254 17.16 -17.15 2.65
N PRO A 255 15.99 -17.80 2.37
CA PRO A 255 14.90 -17.20 1.57
C PRO A 255 14.04 -16.14 2.24
N PHE A 256 13.61 -15.12 1.46
CA PHE A 256 12.65 -14.14 1.92
C PHE A 256 11.27 -14.56 1.43
N GLY A 257 10.77 -15.64 2.02
CA GLY A 257 9.59 -16.29 1.51
C GLY A 257 9.87 -17.08 0.23
N ARG A 258 8.76 -17.57 -0.34
CA ARG A 258 8.74 -18.46 -1.50
C ARG A 258 7.69 -17.97 -2.49
N ASP A 259 6.95 -16.94 -2.09
CA ASP A 259 5.89 -16.37 -2.89
C ASP A 259 5.44 -15.07 -2.22
N THR A 260 4.50 -14.36 -2.84
CA THR A 260 4.01 -13.10 -2.29
C THR A 260 3.49 -13.23 -0.86
N LYS A 261 2.67 -14.24 -0.64
CA LYS A 261 2.01 -14.44 0.64
C LYS A 261 3.05 -14.76 1.72
N SER A 262 3.84 -15.80 1.51
CA SER A 262 4.80 -16.21 2.53
C SER A 262 5.85 -15.14 2.78
N SER A 263 6.19 -14.33 1.78
CA SER A 263 7.17 -13.26 1.94
C SER A 263 6.59 -12.08 2.73
N ALA A 264 5.33 -11.72 2.45
CA ALA A 264 4.63 -10.64 3.14
C ALA A 264 4.42 -10.97 4.62
N GLU A 265 4.22 -12.26 4.94
CA GLU A 265 4.06 -12.72 6.30
C GLU A 265 5.32 -12.41 7.10
N LEU A 266 6.49 -12.68 6.51
CA LEU A 266 7.77 -12.45 7.16
C LEU A 266 8.04 -10.96 7.32
N SER A 267 7.72 -10.13 6.32
CA SER A 267 7.85 -8.69 6.48
C SER A 267 6.95 -8.18 7.61
N GLN A 268 5.76 -8.78 7.77
CA GLN A 268 4.78 -8.32 8.75
C GLN A 268 5.25 -8.71 10.16
N ALA A 269 5.87 -9.88 10.29
CA ALA A 269 6.44 -10.32 11.56
C ALA A 269 7.59 -9.42 12.04
N LEU A 270 8.35 -8.82 11.12
CA LEU A 270 9.56 -8.10 11.49
C LEU A 270 9.31 -6.60 11.64
N GLU A 271 8.23 -6.08 11.01
CA GLU A 271 8.07 -4.64 10.82
C GLU A 271 7.71 -3.95 12.14
N PRO A 272 7.18 -4.64 13.18
CA PRO A 272 7.05 -4.02 14.51
C PRO A 272 8.37 -3.81 15.25
N PHE A 273 9.45 -4.47 14.83
CA PHE A 273 10.67 -4.44 15.63
C PHE A 273 11.75 -3.61 14.95
N PHE A 274 11.77 -3.59 13.61
CA PHE A 274 12.83 -2.91 12.87
C PHE A 274 12.27 -2.38 11.56
N ASP A 275 12.60 -1.12 11.22
CA ASP A 275 12.09 -0.46 10.03
C ASP A 275 13.06 -0.69 8.87
N GLU A 276 12.77 -0.06 7.72
CA GLU A 276 13.53 -0.30 6.49
C GLU A 276 14.89 0.39 6.50
N SER A 277 15.11 1.34 7.41
CA SER A 277 16.42 1.91 7.62
C SER A 277 17.32 0.99 8.46
N GLN A 278 16.73 -0.01 9.12
CA GLN A 278 17.44 -0.85 10.07
C GLN A 278 17.69 -2.24 9.51
N LEU A 279 16.80 -2.68 8.64
CA LEU A 279 16.72 -4.07 8.21
C LEU A 279 17.40 -4.22 6.85
N TYR A 280 18.38 -5.13 6.77
CA TYR A 280 19.16 -5.37 5.56
C TYR A 280 18.99 -6.83 5.13
N ARG A 281 18.15 -7.04 4.10
CA ARG A 281 17.98 -8.30 3.43
C ARG A 281 19.10 -8.47 2.41
N ILE A 282 20.09 -9.31 2.73
CA ILE A 282 21.32 -9.37 1.98
C ILE A 282 21.21 -10.41 0.85
N ASP A 283 21.74 -10.02 -0.32
CA ASP A 283 21.91 -10.85 -1.50
C ASP A 283 23.41 -11.05 -1.70
N HIS A 284 23.90 -12.25 -1.43
CA HIS A 284 25.33 -12.52 -1.37
C HIS A 284 26.00 -12.09 -2.68
N TYR A 285 25.26 -12.19 -3.80
CA TYR A 285 25.87 -12.16 -5.11
C TYR A 285 25.92 -10.75 -5.70
N LEU A 286 25.30 -9.74 -5.09
CA LEU A 286 25.33 -8.43 -5.73
C LEU A 286 26.56 -7.66 -5.23
N GLY A 287 27.40 -7.25 -6.18
CA GLY A 287 28.64 -6.57 -5.88
C GLY A 287 28.56 -5.07 -6.17
N LYS A 288 29.19 -4.30 -5.27
CA LYS A 288 29.36 -2.87 -5.40
C LYS A 288 29.79 -2.47 -6.81
N GLU A 289 30.75 -3.18 -7.39
CA GLU A 289 31.40 -2.75 -8.63
C GLU A 289 30.42 -2.79 -9.80
N MET A 290 29.57 -3.83 -9.88
CA MET A 290 28.60 -3.95 -10.97
C MET A 290 27.48 -2.92 -10.82
N VAL A 291 27.00 -2.69 -9.59
CA VAL A 291 25.98 -1.67 -9.35
C VAL A 291 26.51 -0.29 -9.78
N GLN A 292 27.79 0.01 -9.52
CA GLN A 292 28.37 1.29 -9.91
C GLN A 292 28.47 1.41 -11.43
N ASN A 293 28.87 0.32 -12.10
CA ASN A 293 28.94 0.34 -13.56
C ASN A 293 27.55 0.59 -14.15
N ILE A 294 26.51 0.00 -13.56
CA ILE A 294 25.15 0.22 -14.02
C ILE A 294 24.75 1.69 -13.85
N ILE A 295 24.89 2.26 -12.63
CA ILE A 295 24.28 3.55 -12.31
C ILE A 295 25.10 4.72 -12.85
N THR A 296 26.41 4.68 -12.63
CA THR A 296 27.29 5.78 -12.99
C THR A 296 27.39 5.89 -14.51
N THR A 297 27.71 4.79 -15.19
CA THR A 297 27.96 4.83 -16.63
C THR A 297 26.75 5.38 -17.37
N ARG A 298 25.55 5.05 -16.87
CA ARG A 298 24.33 5.59 -17.44
C ARG A 298 24.10 7.02 -16.96
N PHE A 299 23.92 7.22 -15.65
CA PHE A 299 23.29 8.44 -15.15
C PHE A 299 24.23 9.64 -15.08
N ALA A 300 25.55 9.40 -15.00
CA ALA A 300 26.53 10.46 -15.01
C ALA A 300 26.73 11.03 -16.42
N ASN A 301 26.28 10.33 -17.46
CA ASN A 301 26.70 10.62 -18.82
C ASN A 301 25.54 10.82 -19.80
N ARG A 302 25.55 11.95 -20.49
CA ARG A 302 24.55 12.29 -21.51
C ARG A 302 24.53 11.27 -22.64
N ILE A 303 25.72 10.83 -23.07
CA ILE A 303 25.85 9.95 -24.22
C ILE A 303 25.15 8.61 -23.94
N PHE A 304 25.24 8.08 -22.72
CA PHE A 304 24.60 6.81 -22.41
C PHE A 304 23.16 7.05 -22.00
N SER A 305 22.88 8.13 -21.25
CA SER A 305 21.52 8.42 -20.78
C SER A 305 20.56 8.61 -21.95
N ALA A 306 21.04 9.14 -23.07
CA ALA A 306 20.13 9.51 -24.15
C ALA A 306 19.74 8.28 -24.97
N VAL A 307 20.54 7.20 -24.91
CA VAL A 307 20.22 6.00 -25.68
C VAL A 307 19.60 4.90 -24.81
N TRP A 308 19.38 5.18 -23.52
CA TRP A 308 18.92 4.14 -22.60
C TRP A 308 17.40 3.97 -22.66
N ASN A 309 16.85 3.58 -23.81
CA ASN A 309 15.42 3.62 -24.04
C ASN A 309 15.06 2.81 -25.29
N ALA A 310 13.74 2.66 -25.50
CA ALA A 310 13.16 1.81 -26.53
C ALA A 310 13.52 2.29 -27.94
N SER A 311 13.77 3.59 -28.13
CA SER A 311 14.09 4.10 -29.46
C SER A 311 15.48 3.68 -29.89
N ASN A 312 16.32 3.20 -28.96
CA ASN A 312 17.70 2.88 -29.30
C ASN A 312 18.09 1.45 -28.97
N ILE A 313 17.37 0.77 -28.08
CA ILE A 313 17.79 -0.55 -27.63
C ILE A 313 16.87 -1.63 -28.20
N ALA A 314 17.50 -2.71 -28.69
CA ALA A 314 16.79 -3.80 -29.35
C ALA A 314 16.45 -4.93 -28.38
N CYS A 315 17.34 -5.20 -27.42
CA CYS A 315 17.11 -6.24 -26.42
C CYS A 315 18.16 -6.17 -25.32
N VAL A 316 17.78 -6.67 -24.14
CA VAL A 316 18.64 -6.64 -22.97
C VAL A 316 18.64 -8.03 -22.34
N GLN A 317 19.83 -8.59 -22.11
CA GLN A 317 19.91 -9.88 -21.45
C GLN A 317 20.69 -9.76 -20.15
N ILE A 318 20.15 -10.37 -19.09
CA ILE A 318 20.86 -10.49 -17.83
C ILE A 318 21.05 -11.98 -17.58
N THR A 319 22.33 -12.40 -17.51
CA THR A 319 22.68 -13.80 -17.52
C THR A 319 23.42 -14.14 -16.22
N PHE A 320 23.04 -15.27 -15.60
CA PHE A 320 23.72 -15.84 -14.45
C PHE A 320 23.96 -17.34 -14.70
N LYS A 321 25.19 -17.70 -15.08
CA LYS A 321 25.55 -19.07 -15.47
C LYS A 321 26.59 -19.63 -14.50
N GLU A 322 26.37 -20.87 -14.04
CA GLU A 322 27.31 -21.60 -13.19
C GLU A 322 27.61 -22.97 -13.79
N THR A 323 28.87 -23.43 -13.62
CA THR A 323 29.26 -24.78 -14.01
C THR A 323 28.87 -25.78 -12.94
N ILE A 324 28.92 -25.38 -11.66
CA ILE A 324 28.57 -26.26 -10.55
C ILE A 324 27.07 -26.59 -10.62
N GLY A 325 26.75 -27.71 -9.96
CA GLY A 325 25.38 -28.16 -9.78
C GLY A 325 24.93 -27.98 -8.33
N THR A 326 24.07 -28.88 -7.87
CA THR A 326 23.35 -28.73 -6.62
C THR A 326 23.50 -29.97 -5.73
N GLU A 327 24.55 -30.78 -5.95
CA GLU A 327 24.63 -32.10 -5.33
C GLU A 327 24.71 -31.97 -3.81
N GLY A 328 23.78 -32.62 -3.11
CA GLY A 328 23.67 -32.55 -1.66
C GLY A 328 23.10 -31.22 -1.15
N ARG A 329 22.42 -30.45 -2.02
CA ARG A 329 21.79 -29.21 -1.59
C ARG A 329 20.28 -29.26 -1.85
N GLY A 330 19.73 -30.46 -2.14
CA GLY A 330 18.32 -30.60 -2.47
C GLY A 330 17.40 -30.13 -1.35
N GLY A 331 17.86 -30.27 -0.09
CA GLY A 331 17.12 -29.75 1.05
C GLY A 331 16.80 -28.26 0.90
N TYR A 332 17.81 -27.47 0.58
CA TYR A 332 17.59 -26.08 0.22
C TYR A 332 16.87 -25.99 -1.13
N PHE A 333 17.37 -26.72 -2.13
CA PHE A 333 17.15 -26.28 -3.50
C PHE A 333 15.81 -26.76 -4.08
N ASP A 334 15.36 -27.95 -3.71
CA ASP A 334 14.34 -28.63 -4.48
C ASP A 334 13.00 -27.92 -4.37
N SER A 335 12.68 -27.40 -3.17
CA SER A 335 11.52 -26.56 -2.92
C SER A 335 11.69 -25.12 -3.42
N ILE A 336 12.91 -24.73 -3.82
CA ILE A 336 13.18 -23.34 -4.18
C ILE A 336 13.24 -23.24 -5.70
N GLY A 337 14.12 -24.03 -6.33
CA GLY A 337 14.32 -23.99 -7.77
C GLY A 337 15.01 -22.69 -8.20
N ILE A 338 15.44 -22.66 -9.46
CA ILE A 338 16.32 -21.63 -9.99
C ILE A 338 15.66 -20.24 -9.99
N ILE A 339 14.34 -20.18 -10.20
CA ILE A 339 13.66 -18.91 -10.36
C ILE A 339 13.69 -18.15 -9.02
N ARG A 340 13.30 -18.84 -7.95
CA ARG A 340 13.32 -18.27 -6.62
C ARG A 340 14.76 -18.09 -6.13
N ASP A 341 15.65 -18.97 -6.57
CA ASP A 341 16.99 -19.02 -6.00
C ASP A 341 17.77 -17.76 -6.39
N VAL A 342 17.75 -17.38 -7.68
CA VAL A 342 18.57 -16.27 -8.15
C VAL A 342 17.81 -15.28 -9.04
N MET A 343 16.64 -15.61 -9.57
CA MET A 343 16.04 -14.73 -10.57
C MET A 343 15.08 -13.72 -9.94
N GLN A 344 14.24 -14.16 -9.01
CA GLN A 344 13.25 -13.31 -8.39
C GLN A 344 13.93 -12.29 -7.47
N ASN A 345 15.09 -12.67 -6.94
CA ASN A 345 15.80 -11.82 -6.00
C ASN A 345 16.91 -11.11 -6.77
N HIS A 346 17.91 -11.87 -7.22
CA HIS A 346 19.17 -11.32 -7.66
C HIS A 346 19.00 -10.63 -9.02
N LEU A 347 18.55 -11.37 -10.03
CA LEU A 347 18.47 -10.84 -11.38
C LEU A 347 17.48 -9.68 -11.45
N THR A 348 16.46 -9.68 -10.58
CA THR A 348 15.42 -8.66 -10.65
C THR A 348 15.94 -7.37 -10.03
N GLN A 349 16.85 -7.46 -9.06
CA GLN A 349 17.45 -6.24 -8.57
C GLN A 349 18.31 -5.58 -9.64
N ILE A 350 19.07 -6.36 -10.42
CA ILE A 350 19.92 -5.82 -11.47
C ILE A 350 19.05 -5.19 -12.54
N LEU A 351 17.94 -5.87 -12.87
CA LEU A 351 16.95 -5.37 -13.79
C LEU A 351 16.50 -3.98 -13.34
N ALA A 352 16.05 -3.89 -12.09
CA ALA A 352 15.45 -2.65 -11.62
C ALA A 352 16.47 -1.51 -11.74
N LEU A 353 17.70 -1.75 -11.28
CA LEU A 353 18.79 -0.79 -11.39
C LEU A 353 19.07 -0.39 -12.84
N LEU A 354 19.00 -1.40 -13.70
CA LEU A 354 19.26 -1.24 -15.12
C LEU A 354 18.15 -0.42 -15.79
N ALA A 355 16.90 -0.60 -15.35
CA ALA A 355 15.74 -0.08 -16.07
C ALA A 355 15.10 1.12 -15.38
N MET A 356 15.53 1.46 -14.15
CA MET A 356 14.85 2.51 -13.40
C MET A 356 14.96 3.87 -14.08
N GLU A 357 13.98 4.74 -13.82
CA GLU A 357 14.06 6.14 -14.20
C GLU A 357 15.10 6.88 -13.37
N LYS A 358 15.47 8.08 -13.82
CA LYS A 358 16.47 8.92 -13.19
C LYS A 358 16.03 9.32 -11.79
N PRO A 359 16.82 9.01 -10.75
CA PRO A 359 16.57 9.51 -9.39
C PRO A 359 17.11 10.91 -9.23
N ARG A 360 16.47 11.67 -8.32
CA ARG A 360 16.80 13.07 -8.13
C ARG A 360 18.18 13.23 -7.51
N SER A 361 18.55 12.34 -6.57
CA SER A 361 19.88 12.34 -5.99
C SER A 361 20.40 10.91 -5.87
N LEU A 362 21.62 10.74 -5.35
CA LEU A 362 22.18 9.42 -5.10
C LEU A 362 21.94 8.94 -3.65
N ASP A 363 21.04 9.58 -2.89
CA ASP A 363 20.67 9.07 -1.58
C ASP A 363 19.99 7.71 -1.72
N ALA A 364 20.38 6.79 -0.83
CA ALA A 364 19.96 5.41 -0.86
C ALA A 364 18.48 5.26 -1.22
N GLU A 365 17.60 6.02 -0.56
CA GLU A 365 16.18 5.75 -0.65
C GLU A 365 15.58 6.35 -1.93
N CYS A 366 16.28 7.29 -2.59
CA CYS A 366 15.82 7.76 -3.89
C CYS A 366 15.95 6.65 -4.94
N ILE A 367 17.16 6.11 -5.02
CA ILE A 367 17.46 4.98 -5.90
C ILE A 367 16.44 3.88 -5.65
N ARG A 368 16.26 3.49 -4.37
CA ARG A 368 15.31 2.44 -4.01
C ARG A 368 13.86 2.81 -4.32
N ASP A 369 13.50 4.09 -4.29
CA ASP A 369 12.18 4.53 -4.74
C ASP A 369 12.04 4.28 -6.24
N GLU A 370 13.14 4.47 -6.99
CA GLU A 370 13.09 4.28 -8.43
C GLU A 370 13.04 2.79 -8.79
N LYS A 371 13.73 1.94 -8.04
CA LYS A 371 13.67 0.50 -8.28
C LYS A 371 12.21 0.04 -8.19
N VAL A 372 11.54 0.49 -7.13
CA VAL A 372 10.15 0.11 -6.89
C VAL A 372 9.26 0.58 -8.04
N SER A 373 9.38 1.85 -8.45
CA SER A 373 8.57 2.42 -9.51
C SER A 373 8.68 1.63 -10.82
N VAL A 374 9.88 1.18 -11.18
CA VAL A 374 10.03 0.48 -12.44
C VAL A 374 9.53 -0.96 -12.30
N LEU A 375 9.79 -1.62 -11.17
CA LEU A 375 9.30 -2.98 -10.99
C LEU A 375 7.77 -3.02 -11.12
N LYS A 376 7.09 -1.96 -10.65
CA LYS A 376 5.64 -1.84 -10.70
C LYS A 376 5.10 -1.66 -12.12
N CYS A 377 5.97 -1.48 -13.13
CA CYS A 377 5.53 -1.40 -14.51
C CYS A 377 5.76 -2.73 -15.23
N ILE A 378 6.20 -3.76 -14.50
CA ILE A 378 6.42 -5.05 -15.12
C ILE A 378 5.18 -5.92 -14.91
N GLU A 379 4.74 -6.53 -16.01
CA GLU A 379 3.58 -7.40 -16.05
C GLU A 379 4.01 -8.73 -15.47
N PRO A 380 3.11 -9.50 -14.81
CA PRO A 380 3.47 -10.82 -14.32
C PRO A 380 3.92 -11.69 -15.50
N ILE A 381 5.02 -12.40 -15.28
CA ILE A 381 5.56 -13.27 -16.31
C ILE A 381 4.53 -14.36 -16.57
N THR A 382 4.41 -14.74 -17.84
CA THR A 382 3.49 -15.79 -18.27
C THR A 382 4.27 -17.06 -18.60
N LYS A 383 3.53 -18.17 -18.65
CA LYS A 383 4.07 -19.48 -18.99
C LYS A 383 4.57 -19.50 -20.43
N GLU A 384 4.05 -18.61 -21.27
CA GLU A 384 4.45 -18.56 -22.67
C GLU A 384 5.78 -17.83 -22.85
N ASN A 385 6.27 -17.14 -21.80
CA ASN A 385 7.48 -16.34 -21.89
C ASN A 385 8.57 -16.93 -21.01
N CYS A 386 8.66 -18.26 -20.98
CA CYS A 386 9.48 -19.00 -20.05
C CYS A 386 9.89 -20.34 -20.65
N VAL A 387 11.18 -20.67 -20.60
CA VAL A 387 11.70 -21.99 -20.96
C VAL A 387 12.47 -22.54 -19.76
N LEU A 388 12.07 -23.73 -19.29
CA LEU A 388 12.63 -24.36 -18.10
C LEU A 388 13.50 -25.55 -18.49
N GLY A 389 14.54 -25.80 -17.68
CA GLY A 389 15.43 -26.94 -17.89
C GLY A 389 15.70 -27.67 -16.59
N GLN A 390 16.15 -28.93 -16.68
CA GLN A 390 16.64 -29.65 -15.52
C GLN A 390 17.79 -30.53 -15.96
N TYR A 391 18.94 -30.42 -15.27
CA TYR A 391 20.16 -31.05 -15.78
C TYR A 391 20.24 -32.53 -15.44
N THR A 392 20.73 -33.31 -16.42
CA THR A 392 21.05 -34.73 -16.24
C THR A 392 22.56 -34.91 -16.24
N ALA A 393 23.02 -36.15 -16.10
CA ALA A 393 24.44 -36.45 -16.00
C ALA A 393 25.18 -35.94 -17.23
N SER A 394 26.40 -35.43 -16.99
CA SER A 394 27.31 -34.97 -18.02
C SER A 394 27.61 -36.08 -19.02
N ALA A 395 27.91 -35.67 -20.25
CA ALA A 395 28.17 -36.58 -21.36
C ALA A 395 29.29 -37.57 -21.02
N ASP A 396 30.34 -37.07 -20.37
CA ASP A 396 31.51 -37.85 -20.01
C ASP A 396 31.23 -38.69 -18.75
N GLY A 397 30.14 -38.39 -18.06
CA GLY A 397 29.66 -39.23 -16.98
C GLY A 397 30.32 -38.94 -15.63
N SER A 398 31.15 -37.88 -15.57
CA SER A 398 31.86 -37.55 -14.35
C SER A 398 30.93 -36.84 -13.37
N ILE A 399 29.90 -36.17 -13.90
CA ILE A 399 29.04 -35.29 -13.12
C ILE A 399 27.62 -35.84 -13.05
N PRO A 400 27.08 -36.12 -11.84
CA PRO A 400 25.72 -36.66 -11.71
C PRO A 400 24.63 -35.66 -12.06
N GLY A 401 23.50 -36.17 -12.56
CA GLY A 401 22.33 -35.35 -12.84
C GLY A 401 21.62 -34.91 -11.57
N TYR A 402 20.70 -33.94 -11.72
CA TYR A 402 19.96 -33.35 -10.61
C TYR A 402 19.26 -34.43 -9.76
N LEU A 403 18.51 -35.30 -10.43
CA LEU A 403 17.67 -36.35 -9.82
C LEU A 403 18.55 -37.39 -9.11
N GLU A 404 19.84 -37.47 -9.48
CA GLU A 404 20.73 -38.46 -8.93
C GLU A 404 21.36 -37.94 -7.63
N ASP A 405 20.54 -37.91 -6.58
CA ASP A 405 20.88 -37.18 -5.38
C ASP A 405 19.86 -37.58 -4.31
N VAL A 406 20.37 -38.03 -3.15
CA VAL A 406 19.51 -38.59 -2.11
C VAL A 406 18.80 -37.43 -1.42
N THR A 407 19.29 -36.19 -1.62
CA THR A 407 18.64 -35.02 -1.05
C THR A 407 17.59 -34.44 -2.01
N VAL A 408 17.30 -35.15 -3.12
CA VAL A 408 16.29 -34.73 -4.09
C VAL A 408 15.27 -35.85 -4.24
N PRO A 409 13.95 -35.58 -4.10
CA PRO A 409 12.95 -36.64 -4.25
C PRO A 409 12.89 -37.08 -5.71
N GLU A 410 12.72 -38.39 -5.93
CA GLU A 410 12.62 -38.99 -7.26
C GLU A 410 11.44 -38.35 -8.01
N GLY A 411 11.62 -38.19 -9.32
CA GLY A 411 10.66 -37.55 -10.20
C GLY A 411 10.50 -36.04 -9.98
N SER A 412 11.47 -35.36 -9.34
CA SER A 412 11.37 -33.93 -9.12
C SER A 412 11.23 -33.15 -10.43
N THR A 413 10.47 -32.06 -10.34
CA THR A 413 10.05 -31.19 -11.43
C THR A 413 10.86 -29.89 -11.39
N CYS A 414 11.72 -29.76 -10.37
CA CYS A 414 12.35 -28.50 -10.01
C CYS A 414 13.30 -28.06 -11.12
N PRO A 415 13.19 -26.82 -11.62
CA PRO A 415 14.08 -26.31 -12.65
C PRO A 415 15.44 -25.88 -12.12
N THR A 416 16.50 -26.22 -12.86
CA THR A 416 17.87 -25.86 -12.57
C THR A 416 18.33 -24.79 -13.57
N PHE A 417 17.40 -24.34 -14.41
CA PHE A 417 17.66 -23.52 -15.56
C PHE A 417 16.37 -22.83 -16.00
N ALA A 418 16.43 -21.51 -16.22
CA ALA A 418 15.31 -20.82 -16.84
C ALA A 418 15.78 -19.64 -17.67
N VAL A 419 15.11 -19.48 -18.81
CA VAL A 419 15.16 -18.26 -19.58
C VAL A 419 13.74 -17.73 -19.66
N MET A 420 13.58 -16.43 -19.43
CA MET A 420 12.25 -15.85 -19.47
C MET A 420 12.34 -14.44 -20.05
N ARG A 421 11.23 -14.04 -20.67
CA ARG A 421 11.06 -12.70 -21.20
C ARG A 421 10.16 -11.90 -20.25
N LEU A 422 10.64 -10.73 -19.82
CA LEU A 422 9.85 -9.76 -19.07
C LEU A 422 9.56 -8.55 -19.95
N ASN A 423 8.37 -7.97 -19.73
CA ASN A 423 7.92 -6.81 -20.45
C ASN A 423 7.75 -5.67 -19.46
N ILE A 424 8.44 -4.55 -19.72
CA ILE A 424 8.30 -3.37 -18.90
C ILE A 424 7.42 -2.39 -19.66
N ASN A 425 6.21 -2.15 -19.18
CA ASN A 425 5.25 -1.30 -19.87
C ASN A 425 5.29 0.11 -19.29
N ASN A 426 6.16 0.94 -19.84
CA ASN A 426 6.15 2.37 -19.63
C ASN A 426 6.74 3.03 -20.88
N ASP A 427 6.87 4.35 -20.86
CA ASP A 427 7.33 5.10 -22.01
C ASP A 427 8.75 4.69 -22.43
N ARG A 428 9.66 4.53 -21.45
CA ARG A 428 11.06 4.32 -21.78
C ARG A 428 11.29 2.94 -22.42
N TRP A 429 10.47 1.93 -22.08
CA TRP A 429 10.80 0.54 -22.35
C TRP A 429 9.75 -0.24 -23.15
N ALA A 430 8.60 0.34 -23.49
CA ALA A 430 7.54 -0.45 -24.09
C ALA A 430 8.08 -1.14 -25.36
N GLY A 431 7.78 -2.44 -25.53
CA GLY A 431 8.23 -3.19 -26.70
C GLY A 431 9.64 -3.78 -26.57
N VAL A 432 10.43 -3.33 -25.61
CA VAL A 432 11.79 -3.83 -25.48
C VAL A 432 11.80 -5.17 -24.76
N PRO A 433 12.37 -6.24 -25.37
CA PRO A 433 12.57 -7.51 -24.68
C PRO A 433 13.66 -7.47 -23.60
N PHE A 434 13.28 -7.86 -22.38
CA PHE A 434 14.21 -8.12 -21.30
C PHE A 434 14.21 -9.62 -21.02
N ILE A 435 15.38 -10.23 -21.19
CA ILE A 435 15.55 -11.66 -20.99
C ILE A 435 16.39 -11.87 -19.75
N LEU A 436 15.86 -12.67 -18.83
CA LEU A 436 16.66 -13.14 -17.71
C LEU A 436 16.99 -14.61 -18.01
N LYS A 437 18.23 -14.97 -17.74
CA LYS A 437 18.68 -16.34 -17.92
C LYS A 437 19.52 -16.72 -16.71
N ALA A 438 19.17 -17.86 -16.11
CA ALA A 438 19.91 -18.43 -15.01
C ALA A 438 19.92 -19.94 -15.18
N GLY A 439 21.07 -20.55 -14.89
CA GLY A 439 21.22 -21.97 -15.11
C GLY A 439 22.37 -22.51 -14.27
N LYS A 440 22.11 -23.69 -13.68
CA LYS A 440 23.12 -24.47 -13.00
C LYS A 440 23.65 -25.55 -13.94
N ALA A 441 24.91 -25.93 -13.75
CA ALA A 441 25.55 -27.02 -14.47
C ALA A 441 25.55 -26.80 -15.98
N VAL A 442 25.87 -25.58 -16.43
CA VAL A 442 25.98 -25.29 -17.85
C VAL A 442 27.47 -25.14 -18.23
N GLU A 443 27.77 -24.57 -19.42
CA GLU A 443 29.09 -24.72 -20.01
C GLU A 443 30.14 -23.79 -19.38
N GLN A 444 29.73 -22.72 -18.70
CA GLN A 444 30.70 -21.79 -18.15
C GLN A 444 30.09 -20.92 -17.06
N LYS A 445 30.98 -20.41 -16.21
CA LYS A 445 30.62 -19.50 -15.14
C LYS A 445 30.66 -18.09 -15.70
N TYR A 446 29.48 -17.46 -15.85
CA TYR A 446 29.39 -16.16 -16.48
C TYR A 446 28.19 -15.40 -15.92
N VAL A 447 28.44 -14.21 -15.38
CA VAL A 447 27.39 -13.28 -14.99
C VAL A 447 27.61 -11.98 -15.74
N ALA A 448 26.62 -11.54 -16.52
CA ALA A 448 26.76 -10.32 -17.30
C ALA A 448 25.38 -9.75 -17.68
N ILE A 449 25.40 -8.45 -17.97
CA ILE A 449 24.36 -7.73 -18.67
C ILE A 449 24.83 -7.54 -20.13
N ARG A 450 23.97 -7.81 -21.10
CA ARG A 450 24.29 -7.52 -22.49
C ARG A 450 23.18 -6.66 -23.08
N ILE A 451 23.54 -5.43 -23.46
CA ILE A 451 22.61 -4.53 -24.08
C ILE A 451 22.97 -4.42 -25.56
N GLN A 452 22.00 -4.74 -26.40
CA GLN A 452 22.14 -4.72 -27.85
C GLN A 452 21.29 -3.57 -28.37
N PHE A 453 21.92 -2.68 -29.14
CA PHE A 453 21.28 -1.48 -29.67
C PHE A 453 20.76 -1.75 -31.07
N ARG A 454 19.76 -0.95 -31.50
CA ARG A 454 19.22 -1.10 -32.84
C ARG A 454 20.32 -0.84 -33.87
N ASP A 455 20.33 -1.65 -34.93
CA ASP A 455 21.30 -1.48 -36.00
C ASP A 455 20.98 -0.19 -36.76
N GLU A 456 22.03 0.44 -37.33
CA GLU A 456 21.90 1.46 -38.35
C GLU A 456 22.15 0.78 -39.70
N VAL A 457 21.08 0.43 -40.41
CA VAL A 457 21.22 -0.29 -41.66
C VAL A 457 21.68 0.67 -42.75
N HIS A 458 21.27 1.94 -42.66
CA HIS A 458 21.68 2.96 -43.62
C HIS A 458 22.60 3.96 -42.93
N PRO A 459 23.68 4.44 -43.59
CA PRO A 459 24.06 4.01 -44.94
C PRO A 459 25.17 2.96 -45.09
N TYR A 460 25.60 2.30 -44.00
CA TYR A 460 26.76 1.41 -44.05
C TYR A 460 26.35 -0.03 -44.35
N GLY A 461 25.08 -0.40 -44.09
CA GLY A 461 24.60 -1.74 -44.40
C GLY A 461 25.41 -2.83 -43.71
N GLU A 462 26.10 -3.64 -44.52
CA GLU A 462 26.82 -4.80 -44.03
C GLU A 462 28.19 -4.39 -43.47
N ALA A 463 28.64 -3.15 -43.71
CA ALA A 463 29.89 -2.71 -43.10
C ALA A 463 29.67 -2.22 -41.67
N THR A 464 28.43 -2.33 -41.14
CA THR A 464 28.20 -2.12 -39.72
C THR A 464 27.37 -3.27 -39.17
N GLN A 465 27.30 -3.34 -37.84
CA GLN A 465 26.33 -4.18 -37.15
C GLN A 465 25.92 -3.47 -35.86
N ARG A 466 25.24 -4.18 -34.97
CA ARG A 466 24.64 -3.58 -33.79
C ARG A 466 25.72 -3.19 -32.79
N ASN A 467 25.61 -1.98 -32.24
CA ASN A 467 26.39 -1.60 -31.08
C ASN A 467 25.94 -2.47 -29.92
N GLU A 468 26.86 -2.73 -28.98
CA GLU A 468 26.51 -3.50 -27.80
C GLU A 468 27.17 -2.83 -26.62
N LEU A 469 26.55 -2.98 -25.45
CA LEU A 469 27.18 -2.63 -24.20
C LEU A 469 27.16 -3.87 -23.33
N VAL A 470 28.32 -4.26 -22.81
CA VAL A 470 28.43 -5.40 -21.91
C VAL A 470 28.99 -4.93 -20.57
N ILE A 471 28.30 -5.36 -19.50
CA ILE A 471 28.74 -5.22 -18.12
C ILE A 471 28.87 -6.63 -17.56
N ARG A 472 30.11 -7.04 -17.29
CA ARG A 472 30.40 -8.40 -16.88
C ARG A 472 30.96 -8.37 -15.48
N ALA A 473 30.58 -9.38 -14.70
CA ALA A 473 30.97 -9.47 -13.30
C ALA A 473 31.76 -10.74 -13.04
N GLN A 474 31.35 -11.84 -13.68
CA GLN A 474 31.97 -13.15 -13.52
C GLN A 474 32.33 -13.70 -14.89
N PRO A 475 33.45 -14.42 -15.10
CA PRO A 475 34.40 -14.76 -14.03
C PRO A 475 35.32 -13.60 -13.63
N SER A 476 35.29 -12.51 -14.40
CA SER A 476 36.05 -11.33 -14.06
C SER A 476 35.28 -10.10 -14.51
N GLU A 477 35.60 -8.96 -13.90
CA GLU A 477 34.88 -7.73 -14.17
C GLU A 477 35.31 -7.22 -15.53
N ALA A 478 34.34 -6.78 -16.34
CA ALA A 478 34.62 -6.06 -17.57
C ALA A 478 33.44 -5.18 -17.92
N MET A 479 33.71 -4.05 -18.58
CA MET A 479 32.65 -3.25 -19.16
C MET A 479 33.16 -2.59 -20.44
N TYR A 480 32.44 -2.77 -21.55
CA TYR A 480 32.91 -2.31 -22.83
C TYR A 480 31.72 -2.16 -23.77
N VAL A 481 31.90 -1.35 -24.82
CA VAL A 481 30.92 -1.19 -25.87
C VAL A 481 31.57 -1.70 -27.16
N LYS A 482 30.74 -2.29 -28.03
CA LYS A 482 31.16 -2.76 -29.34
C LYS A 482 30.66 -1.72 -30.33
N ILE A 483 31.59 -1.10 -31.06
CA ILE A 483 31.23 -0.08 -32.04
C ILE A 483 31.92 -0.43 -33.35
N THR A 484 31.60 0.32 -34.39
CA THR A 484 32.27 0.19 -35.68
C THR A 484 32.98 1.50 -35.99
N THR A 485 34.29 1.40 -36.21
CA THR A 485 35.10 2.54 -36.62
C THR A 485 35.74 2.24 -37.98
N LYS A 486 36.30 3.30 -38.56
CA LYS A 486 37.03 3.23 -39.80
C LYS A 486 38.29 2.37 -39.61
N VAL A 487 38.74 1.78 -40.71
CA VAL A 487 40.09 1.27 -40.84
C VAL A 487 40.79 2.17 -41.86
N PRO A 488 42.07 2.58 -41.64
CA PRO A 488 42.79 3.39 -42.61
C PRO A 488 43.50 2.56 -43.69
N GLY A 489 43.63 3.12 -44.90
CA GLY A 489 44.36 2.45 -45.98
C GLY A 489 43.70 2.66 -47.33
N GLY A 492 40.94 4.42 -47.59
CA GLY A 492 40.32 3.77 -48.77
C GLY A 492 38.88 4.23 -49.00
N ASP A 493 37.96 3.27 -49.06
CA ASP A 493 36.54 3.58 -49.24
C ASP A 493 35.94 3.88 -47.86
N LEU A 494 34.89 4.71 -47.81
CA LEU A 494 34.17 4.94 -46.57
C LEU A 494 33.74 3.63 -45.94
N ARG A 495 33.47 2.59 -46.76
CA ARG A 495 32.83 1.37 -46.28
C ARG A 495 33.85 0.42 -45.66
N GLN A 496 35.10 0.86 -45.51
CA GLN A 496 36.13 0.02 -44.89
C GLN A 496 36.09 0.25 -43.37
N THR A 497 35.52 -0.72 -42.64
CA THR A 497 35.27 -0.56 -41.21
C THR A 497 35.70 -1.80 -40.45
N HIS A 498 35.74 -1.63 -39.13
CA HIS A 498 36.23 -2.58 -38.15
C HIS A 498 35.26 -2.56 -36.95
N GLN A 499 35.07 -3.72 -36.32
CA GLN A 499 34.43 -3.81 -35.02
C GLN A 499 35.50 -3.68 -33.94
N THR A 500 35.32 -2.74 -33.00
CA THR A 500 36.24 -2.52 -31.89
C THR A 500 35.47 -2.57 -30.56
N GLU A 501 36.12 -3.11 -29.53
CA GLU A 501 35.61 -3.11 -28.17
C GLU A 501 36.30 -2.03 -27.34
N LEU A 502 35.59 -0.93 -27.03
CA LEU A 502 36.11 0.10 -26.14
C LEU A 502 35.91 -0.32 -24.69
N ASP A 503 37.01 -0.40 -23.96
CA ASP A 503 37.00 -0.70 -22.55
C ASP A 503 36.71 0.58 -21.76
N LEU A 504 35.82 0.49 -20.75
CA LEU A 504 35.35 1.63 -20.00
C LEU A 504 35.99 1.64 -18.60
N THR A 505 37.28 1.31 -18.54
CA THR A 505 38.04 1.30 -17.30
C THR A 505 37.42 0.28 -16.33
N ARG A 513 44.18 -6.68 -2.38
CA ARG A 513 42.99 -7.58 -2.36
C ARG A 513 41.75 -6.78 -1.96
N LEU A 514 40.84 -6.58 -2.93
CA LEU A 514 39.63 -5.82 -2.73
C LEU A 514 38.55 -6.69 -2.10
N PRO A 515 37.53 -6.09 -1.42
CA PRO A 515 36.40 -6.86 -0.88
C PRO A 515 35.50 -7.39 -1.99
N ASP A 516 35.07 -8.65 -1.85
CA ASP A 516 34.25 -9.32 -2.85
C ASP A 516 32.80 -8.83 -2.72
N ALA A 517 31.91 -9.49 -3.47
CA ALA A 517 30.53 -9.05 -3.59
C ALA A 517 29.85 -9.03 -2.22
N TYR A 518 29.90 -10.18 -1.55
CA TYR A 518 29.28 -10.36 -0.25
C TYR A 518 29.88 -9.38 0.75
N GLU A 519 31.21 -9.33 0.80
CA GLU A 519 31.92 -8.46 1.72
C GLU A 519 31.51 -7.00 1.50
N SER A 520 31.30 -6.61 0.24
CA SER A 520 30.99 -5.23 -0.07
C SER A 520 29.58 -4.89 0.43
N LEU A 521 28.71 -5.90 0.58
CA LEU A 521 27.38 -5.68 1.13
C LEU A 521 27.45 -5.60 2.65
N ILE A 522 28.28 -6.44 3.28
CA ILE A 522 28.43 -6.29 4.71
C ILE A 522 28.99 -4.90 4.98
N ASN A 523 30.02 -4.50 4.22
CA ASN A 523 30.62 -3.18 4.38
C ASN A 523 29.53 -2.10 4.37
N ASP A 524 28.67 -2.10 3.34
CA ASP A 524 27.61 -1.12 3.18
C ASP A 524 26.61 -1.11 4.32
N ALA A 525 26.32 -2.29 4.88
CA ALA A 525 25.44 -2.37 6.03
C ALA A 525 26.08 -1.62 7.20
N LEU A 526 27.38 -1.85 7.44
CA LEU A 526 28.14 -1.16 8.46
C LEU A 526 28.15 0.36 8.22
N LEU A 527 28.08 0.80 6.96
CA LEU A 527 28.13 2.22 6.64
C LEU A 527 26.74 2.83 6.56
N GLY A 528 25.71 2.01 6.67
CA GLY A 528 24.34 2.53 6.67
C GLY A 528 23.81 2.85 5.28
N ASN A 529 24.37 2.17 4.25
CA ASN A 529 23.96 2.41 2.88
C ASN A 529 23.11 1.26 2.37
N SER A 530 21.81 1.50 2.23
CA SER A 530 20.84 0.44 1.94
C SER A 530 20.52 0.30 0.45
N THR A 531 21.26 1.00 -0.42
CA THR A 531 20.97 1.11 -1.84
C THR A 531 20.81 -0.25 -2.50
N ASN A 532 21.73 -1.18 -2.16
CA ASN A 532 21.82 -2.47 -2.81
C ASN A 532 21.07 -3.56 -2.03
N PHE A 533 20.20 -3.17 -1.08
CA PHE A 533 19.36 -4.11 -0.35
C PHE A 533 17.90 -3.93 -0.76
N VAL A 534 17.21 -5.05 -1.03
CA VAL A 534 15.83 -5.02 -1.48
C VAL A 534 14.98 -4.47 -0.34
N ARG A 535 14.23 -3.40 -0.63
CA ARG A 535 13.32 -2.82 0.34
C ARG A 535 12.05 -3.67 0.41
N LYS A 536 11.30 -3.52 1.50
CA LYS A 536 10.08 -4.27 1.78
C LYS A 536 9.07 -4.17 0.64
N ASP A 537 8.76 -2.95 0.18
CA ASP A 537 7.81 -2.71 -0.91
C ASP A 537 8.36 -3.30 -2.22
N GLU A 538 9.66 -3.10 -2.47
CA GLU A 538 10.36 -3.63 -3.63
C GLU A 538 10.25 -5.16 -3.67
N LEU A 539 10.36 -5.80 -2.51
CA LEU A 539 10.30 -7.24 -2.43
C LEU A 539 8.88 -7.71 -2.78
N ASP A 540 7.89 -7.00 -2.27
CA ASP A 540 6.49 -7.35 -2.53
C ASP A 540 6.25 -7.36 -4.04
N VAL A 541 6.67 -6.30 -4.72
CA VAL A 541 6.39 -6.13 -6.15
C VAL A 541 7.09 -7.21 -6.99
N ALA A 542 8.36 -7.49 -6.65
CA ALA A 542 9.10 -8.59 -7.25
C ALA A 542 8.38 -9.92 -7.09
N TRP A 543 7.86 -10.22 -5.89
CA TRP A 543 7.15 -11.48 -5.74
C TRP A 543 5.91 -11.53 -6.61
N ARG A 544 5.21 -10.41 -6.81
CA ARG A 544 4.02 -10.37 -7.64
C ARG A 544 4.34 -10.54 -9.14
N ILE A 545 5.58 -10.26 -9.57
CA ILE A 545 5.99 -10.51 -10.95
C ILE A 545 6.03 -12.01 -11.22
N PHE A 546 6.49 -12.78 -10.24
CA PHE A 546 6.92 -14.16 -10.43
C PHE A 546 5.98 -15.19 -9.81
N THR A 547 5.13 -14.81 -8.84
CA THR A 547 4.37 -15.80 -8.08
C THR A 547 3.38 -16.55 -8.99
N PRO A 548 2.52 -15.87 -9.80
CA PRO A 548 1.60 -16.57 -10.71
C PRO A 548 2.28 -17.57 -11.64
N LEU A 549 3.44 -17.23 -12.21
CA LEU A 549 4.23 -18.19 -12.97
C LEU A 549 4.67 -19.34 -12.08
N LEU A 550 5.22 -19.02 -10.90
CA LEU A 550 5.75 -20.06 -10.03
C LEU A 550 4.63 -21.05 -9.67
N HIS A 551 3.38 -20.56 -9.56
CA HIS A 551 2.26 -21.44 -9.27
C HIS A 551 1.91 -22.25 -10.52
N GLN A 552 1.83 -21.57 -11.68
CA GLN A 552 1.64 -22.22 -12.97
C GLN A 552 2.66 -23.33 -13.17
N ILE A 553 3.87 -23.17 -12.60
CA ILE A 553 4.90 -24.19 -12.67
C ILE A 553 4.59 -25.35 -11.73
N ASP A 554 4.27 -25.07 -10.47
CA ASP A 554 3.98 -26.12 -9.49
C ASP A 554 2.69 -26.87 -9.88
N SER A 555 1.83 -26.26 -10.71
CA SER A 555 0.66 -26.95 -11.28
C SER A 555 1.02 -27.66 -12.59
N GLY A 556 2.30 -27.65 -12.97
CA GLY A 556 2.77 -28.39 -14.13
C GLY A 556 2.17 -27.94 -15.44
N GLU A 557 1.81 -26.66 -15.58
CA GLU A 557 1.36 -26.12 -16.86
C GLU A 557 2.57 -26.03 -17.80
N ILE A 558 3.78 -26.02 -17.19
CA ILE A 558 5.06 -25.88 -17.87
C ILE A 558 6.03 -26.83 -17.18
N LYS A 559 6.84 -27.54 -17.99
CA LYS A 559 7.68 -28.63 -17.51
C LYS A 559 9.11 -28.45 -17.98
N PRO A 560 10.11 -28.82 -17.17
CA PRO A 560 11.51 -28.62 -17.52
C PRO A 560 12.02 -29.64 -18.55
N ILE A 561 12.77 -29.11 -19.52
CA ILE A 561 13.42 -29.89 -20.56
C ILE A 561 14.76 -30.36 -20.02
N PRO A 562 15.11 -31.67 -20.17
CA PRO A 562 16.42 -32.18 -19.75
C PRO A 562 17.56 -31.54 -20.53
N TYR A 563 18.75 -31.50 -19.93
CA TYR A 563 19.95 -31.04 -20.61
C TYR A 563 21.14 -31.65 -19.88
N GLN A 564 22.03 -32.28 -20.62
CA GLN A 564 23.25 -32.79 -20.01
C GLN A 564 23.99 -31.64 -19.34
N ALA A 565 24.45 -31.90 -18.11
CA ALA A 565 25.37 -31.02 -17.41
C ALA A 565 26.58 -30.72 -18.28
N GLY A 566 26.99 -29.44 -18.31
CA GLY A 566 28.17 -29.01 -19.07
C GLY A 566 27.80 -28.46 -20.45
N THR A 567 26.53 -28.62 -20.88
CA THR A 567 26.05 -28.04 -22.11
C THR A 567 25.54 -26.62 -21.85
N ARG A 568 25.15 -25.90 -22.91
CA ARG A 568 24.58 -24.57 -22.79
C ARG A 568 23.21 -24.59 -22.12
N GLY A 569 22.57 -25.77 -22.12
CA GLY A 569 21.20 -25.93 -21.64
C GLY A 569 20.29 -26.41 -22.77
N PRO A 570 18.95 -26.37 -22.57
CA PRO A 570 17.99 -26.75 -23.62
C PRO A 570 18.12 -25.95 -24.91
N LYS A 571 18.16 -26.63 -26.06
CA LYS A 571 18.32 -25.94 -27.34
C LYS A 571 17.15 -24.97 -27.54
N GLU A 572 15.98 -25.30 -26.99
CA GLU A 572 14.78 -24.48 -27.04
C GLU A 572 15.02 -23.09 -26.39
N ALA A 573 15.95 -23.01 -25.45
CA ALA A 573 16.28 -21.76 -24.79
C ALA A 573 16.95 -20.80 -25.77
N ASP A 574 17.93 -21.29 -26.54
CA ASP A 574 18.62 -20.41 -27.46
C ASP A 574 17.66 -19.97 -28.56
N GLU A 575 16.76 -20.86 -28.97
CA GLU A 575 15.72 -20.53 -29.95
C GLU A 575 14.83 -19.43 -29.39
N PHE A 576 14.45 -19.52 -28.11
CA PHE A 576 13.61 -18.52 -27.46
C PHE A 576 14.24 -17.13 -27.53
N ILE A 577 15.54 -17.08 -27.27
CA ILE A 577 16.26 -15.83 -27.15
C ILE A 577 16.32 -15.14 -28.51
N ALA A 578 16.60 -15.91 -29.58
CA ALA A 578 16.69 -15.38 -30.94
C ALA A 578 15.30 -14.91 -31.40
N ASN A 579 14.26 -15.61 -30.93
CA ASN A 579 12.89 -15.23 -31.25
C ASN A 579 12.43 -14.04 -30.41
N ASN A 580 13.28 -13.56 -29.49
CA ASN A 580 12.94 -12.41 -28.67
C ASN A 580 13.94 -11.28 -28.92
N GLY A 581 14.42 -11.16 -30.17
CA GLY A 581 15.00 -9.93 -30.67
C GLY A 581 16.53 -9.92 -30.68
N PHE A 582 17.19 -10.95 -30.17
CA PHE A 582 18.65 -10.97 -30.17
C PHE A 582 19.17 -11.44 -31.53
N LYS A 583 20.38 -10.95 -31.89
CA LYS A 583 21.06 -11.30 -33.14
C LYS A 583 22.55 -11.46 -32.88
N HIS A 584 23.11 -12.61 -33.26
CA HIS A 584 24.47 -12.98 -32.90
C HIS A 584 25.41 -13.04 -34.10
N GLN A 585 25.81 -11.87 -34.63
CA GLN A 585 26.86 -11.80 -35.64
C GLN A 585 28.03 -10.96 -35.12
N SER B 36 7.98 11.66 -34.82
CA SER B 36 9.32 11.72 -34.15
C SER B 36 9.30 10.90 -32.87
N GLU B 37 9.72 9.63 -32.98
CA GLU B 37 9.86 8.74 -31.84
C GLU B 37 11.15 9.07 -31.08
N GLU B 38 12.13 9.66 -31.79
CA GLU B 38 13.38 10.10 -31.19
C GLU B 38 13.13 11.33 -30.31
N GLN B 39 12.28 12.26 -30.76
CA GLN B 39 11.98 13.47 -30.00
C GLN B 39 11.07 13.20 -28.81
N SER B 40 10.12 12.25 -28.95
CA SER B 40 9.27 11.88 -27.83
C SER B 40 10.10 11.41 -26.64
N HIS B 41 11.13 10.57 -26.91
CA HIS B 41 12.04 10.11 -25.86
C HIS B 41 12.84 11.26 -25.27
N ALA B 42 13.24 12.23 -26.11
CA ALA B 42 14.04 13.37 -25.69
C ALA B 42 13.19 14.40 -24.93
N ASP B 43 11.89 14.47 -25.27
CA ASP B 43 10.94 15.31 -24.56
C ASP B 43 10.67 14.76 -23.16
N GLN B 44 10.50 13.43 -23.03
CA GLN B 44 10.28 12.83 -21.73
C GLN B 44 11.43 13.17 -20.79
N ASP B 45 12.68 12.99 -21.27
CA ASP B 45 13.83 13.26 -20.43
C ASP B 45 13.91 14.75 -20.12
N ALA B 46 13.48 15.60 -21.06
CA ALA B 46 13.58 17.05 -20.89
C ALA B 46 12.55 17.52 -19.87
N TYR B 47 11.41 16.84 -19.78
CA TYR B 47 10.37 17.21 -18.84
C TYR B 47 10.80 16.84 -17.43
N VAL B 48 11.51 15.72 -17.30
CA VAL B 48 12.02 15.34 -16.00
C VAL B 48 13.07 16.35 -15.56
N ALA B 49 14.03 16.67 -16.44
CA ALA B 49 15.15 17.53 -16.07
C ALA B 49 14.66 18.96 -15.81
N ASP B 50 13.53 19.33 -16.43
CA ASP B 50 12.92 20.63 -16.25
C ASP B 50 12.15 20.64 -14.93
N VAL B 51 11.59 19.49 -14.54
CA VAL B 51 10.99 19.39 -13.22
C VAL B 51 12.07 19.37 -12.15
N ASP B 52 13.26 18.85 -12.44
CA ASP B 52 14.32 18.85 -11.44
C ASP B 52 14.89 20.27 -11.30
N GLY B 53 14.80 21.09 -12.36
CA GLY B 53 15.28 22.47 -12.34
C GLY B 53 14.39 23.38 -11.49
N ILE B 54 13.07 23.34 -11.74
CA ILE B 54 12.08 23.99 -10.91
C ILE B 54 12.30 23.66 -9.42
N LEU B 55 12.39 22.37 -9.09
CA LEU B 55 12.52 21.93 -7.71
C LEU B 55 13.80 22.46 -7.08
N ASP B 56 14.88 22.54 -7.86
CA ASP B 56 16.16 23.04 -7.37
C ASP B 56 16.03 24.49 -6.91
N VAL B 57 15.28 25.31 -7.68
CA VAL B 57 15.14 26.71 -7.32
C VAL B 57 14.34 26.78 -6.01
N LEU B 58 13.16 26.14 -6.01
CA LEU B 58 12.34 26.05 -4.80
C LEU B 58 13.16 25.55 -3.61
N ARG B 59 14.18 24.71 -3.86
CA ARG B 59 15.04 24.24 -2.79
C ARG B 59 15.93 25.37 -2.27
N ALA B 60 16.50 26.14 -3.20
CA ALA B 60 17.46 27.17 -2.85
C ALA B 60 16.82 28.22 -1.94
N GLN B 61 15.63 28.71 -2.32
CA GLN B 61 14.93 29.76 -1.60
C GLN B 61 14.51 29.27 -0.21
N VAL B 62 14.16 27.97 -0.11
CA VAL B 62 13.70 27.39 1.13
C VAL B 62 14.88 27.21 2.10
N LEU B 63 16.09 27.10 1.56
CA LEU B 63 17.30 27.04 2.38
C LEU B 63 17.68 28.43 2.87
N GLU B 64 17.23 29.48 2.17
CA GLU B 64 17.53 30.86 2.55
C GLU B 64 16.61 31.26 3.70
N ARG B 65 15.31 31.39 3.42
CA ARG B 65 14.34 31.87 4.40
C ARG B 65 14.21 30.85 5.53
N LYS B 66 13.87 29.60 5.18
CA LYS B 66 13.79 28.48 6.11
C LYS B 66 12.70 28.69 7.16
N PRO B 67 11.40 28.78 6.77
CA PRO B 67 10.32 28.93 7.75
C PRO B 67 9.71 27.59 8.21
N ILE B 70 8.73 26.03 3.65
CA ILE B 70 7.80 24.98 4.19
C ILE B 70 6.63 24.83 3.21
N PHE B 71 5.71 23.92 3.54
CA PHE B 71 4.56 23.59 2.70
C PHE B 71 3.82 24.84 2.21
N GLN B 72 3.70 25.86 3.06
CA GLN B 72 3.08 27.11 2.66
C GLN B 72 4.02 27.87 1.72
N PHE B 73 5.31 27.96 2.06
CA PHE B 73 6.22 28.84 1.33
C PHE B 73 6.41 28.37 -0.11
N ILE B 74 6.58 27.05 -0.33
CA ILE B 74 6.73 26.49 -1.66
C ILE B 74 5.58 26.95 -2.56
N SER B 75 4.35 26.91 -2.01
CA SER B 75 3.14 27.27 -2.75
C SER B 75 3.29 28.61 -3.47
N LYS B 76 3.77 29.62 -2.75
CA LYS B 76 3.76 30.99 -3.24
C LYS B 76 4.92 31.21 -4.21
N SER B 77 6.09 30.63 -3.88
CA SER B 77 7.30 30.76 -4.68
C SER B 77 7.11 30.14 -6.06
N ALA B 78 6.30 29.08 -6.13
CA ALA B 78 6.03 28.39 -7.38
C ALA B 78 5.10 29.24 -8.25
N LEU B 79 3.96 29.66 -7.69
CA LEU B 79 3.04 30.58 -8.36
C LEU B 79 3.81 31.81 -8.84
N SER B 80 4.79 32.26 -8.03
CA SER B 80 5.56 33.46 -8.34
C SER B 80 6.60 33.16 -9.41
N LEU B 81 6.62 34.00 -10.44
CA LEU B 81 7.35 33.79 -11.68
C LEU B 81 7.10 32.34 -12.14
N GLN B 82 5.80 32.07 -12.36
CA GLN B 82 5.33 30.92 -13.10
C GLN B 82 5.43 31.27 -14.60
N SER B 89 -1.68 24.84 18.83
CA SER B 89 -3.05 25.44 18.89
C SER B 89 -3.84 24.83 20.05
N CYS B 90 -4.23 25.68 21.01
CA CYS B 90 -5.05 25.26 22.14
C CYS B 90 -5.77 26.48 22.71
N ASP B 91 -6.78 26.97 21.97
CA ASP B 91 -7.48 28.20 22.30
C ASP B 91 -8.93 27.87 22.64
N ARG B 92 -9.54 28.72 23.47
CA ARG B 92 -10.88 28.48 24.00
C ARG B 92 -11.83 28.14 22.86
N ILE B 93 -12.74 27.19 23.09
CA ILE B 93 -13.71 26.82 22.07
C ILE B 93 -14.56 28.05 21.77
N ASN B 94 -14.50 28.53 20.53
CA ASN B 94 -15.39 29.58 20.12
C ASN B 94 -16.74 28.94 19.80
N CYS B 95 -17.74 29.24 20.63
CA CYS B 95 -19.08 28.69 20.49
C CYS B 95 -19.78 29.28 19.26
N LYS B 96 -20.37 28.42 18.43
CA LYS B 96 -20.99 28.85 17.18
C LYS B 96 -22.48 28.46 17.15
N VAL B 97 -23.01 28.11 18.32
CA VAL B 97 -24.33 27.53 18.46
C VAL B 97 -25.36 28.67 18.40
N LYS B 98 -26.58 28.35 17.97
CA LYS B 98 -27.61 29.36 17.75
C LYS B 98 -28.24 29.75 19.09
N ASP B 99 -29.09 30.80 19.05
CA ASP B 99 -29.68 31.37 20.26
C ASP B 99 -30.65 30.37 20.88
N GLU B 100 -31.39 29.63 20.05
CA GLU B 100 -32.36 28.67 20.55
C GLU B 100 -31.65 27.51 21.26
N GLN B 101 -30.45 27.17 20.80
CA GLN B 101 -29.71 26.01 21.32
C GLN B 101 -29.15 26.30 22.71
N LYS B 102 -28.80 27.56 22.98
CA LYS B 102 -28.25 27.93 24.27
C LYS B 102 -29.37 28.38 25.20
N SER B 103 -30.60 28.44 24.67
CA SER B 103 -31.74 28.91 25.44
C SER B 103 -32.23 27.87 26.45
N ARG B 104 -31.85 26.60 26.26
CA ARG B 104 -32.47 25.53 27.03
C ARG B 104 -31.46 24.42 27.25
N ALA B 105 -31.69 23.60 28.28
CA ALA B 105 -30.82 22.46 28.57
C ALA B 105 -30.85 21.47 27.40
N LEU B 106 -29.68 20.93 27.06
CA LEU B 106 -29.60 19.80 26.14
C LEU B 106 -28.99 18.61 26.87
N THR B 107 -29.60 17.43 26.68
CA THR B 107 -29.03 16.17 27.12
C THR B 107 -28.97 15.18 25.96
N ILE B 108 -27.79 14.56 25.76
CA ILE B 108 -27.63 13.53 24.74
C ILE B 108 -27.43 12.20 25.46
N ILE B 109 -28.30 11.21 25.18
CA ILE B 109 -28.23 9.90 25.82
C ILE B 109 -27.84 8.84 24.80
N VAL B 110 -26.64 8.27 24.99
CA VAL B 110 -26.10 7.29 24.07
C VAL B 110 -26.28 5.91 24.69
N PHE B 111 -27.24 5.16 24.15
CA PHE B 111 -27.51 3.81 24.61
C PHE B 111 -26.52 2.88 23.95
N GLY B 112 -26.11 1.84 24.67
CA GLY B 112 -25.07 0.94 24.20
C GLY B 112 -23.72 1.65 24.20
N ALA B 113 -23.47 2.38 25.29
CA ALA B 113 -22.38 3.34 25.38
C ALA B 113 -21.01 2.66 25.46
N SER B 114 -20.97 1.38 25.83
CA SER B 114 -19.73 0.63 25.88
C SER B 114 -19.57 -0.26 24.65
N GLY B 115 -20.45 -0.11 23.66
CA GLY B 115 -20.36 -0.89 22.44
C GLY B 115 -19.44 -0.23 21.43
N ASP B 116 -19.05 -1.00 20.40
CA ASP B 116 -18.01 -0.59 19.47
C ASP B 116 -18.43 0.66 18.72
N LEU B 117 -19.69 0.71 18.28
CA LEU B 117 -20.17 1.88 17.55
C LEU B 117 -20.01 3.12 18.43
N ALA B 118 -20.48 3.02 19.67
CA ALA B 118 -20.54 4.16 20.56
C ALA B 118 -19.14 4.69 20.85
N LYS B 119 -18.26 3.81 21.32
CA LYS B 119 -16.99 4.25 21.86
C LYS B 119 -16.03 4.65 20.75
N LYS B 120 -16.13 4.00 19.59
CA LYS B 120 -15.22 4.22 18.48
C LYS B 120 -15.75 5.29 17.53
N LYS B 121 -17.06 5.57 17.52
CA LYS B 121 -17.64 6.47 16.51
C LYS B 121 -18.52 7.56 17.11
N THR B 122 -19.49 7.23 17.97
CA THR B 122 -20.42 8.26 18.43
C THR B 122 -19.72 9.23 19.35
N PHE B 123 -18.99 8.69 20.35
CA PHE B 123 -18.36 9.54 21.36
C PHE B 123 -17.29 10.43 20.73
N PRO B 124 -16.40 9.91 19.85
CA PRO B 124 -15.43 10.77 19.17
C PRO B 124 -16.04 11.84 18.27
N ALA B 125 -17.22 11.56 17.71
CA ALA B 125 -17.94 12.55 16.95
C ALA B 125 -18.44 13.68 17.86
N LEU B 126 -18.99 13.29 19.01
CA LEU B 126 -19.51 14.29 19.92
C LEU B 126 -18.37 15.20 20.37
N PHE B 127 -17.19 14.61 20.56
CA PHE B 127 -16.02 15.36 20.97
C PHE B 127 -15.64 16.38 19.89
N ASP B 128 -15.57 15.94 18.63
CA ASP B 128 -15.31 16.84 17.51
C ASP B 128 -16.36 17.94 17.48
N LEU B 129 -17.65 17.62 17.65
CA LEU B 129 -18.65 18.69 17.68
C LEU B 129 -18.33 19.65 18.85
N TYR B 130 -18.03 19.08 20.02
CA TYR B 130 -17.66 19.87 21.18
C TYR B 130 -16.53 20.84 20.84
N CYS B 131 -15.46 20.32 20.24
CA CYS B 131 -14.29 21.11 19.91
C CYS B 131 -14.66 22.18 18.88
N GLY B 132 -15.49 21.81 17.90
CA GLY B 132 -15.88 22.71 16.84
C GLY B 132 -16.79 23.81 17.35
N GLY B 133 -17.18 23.71 18.62
CA GLY B 133 -18.10 24.67 19.24
C GLY B 133 -19.55 24.49 18.81
N LEU B 134 -19.96 23.26 18.45
CA LEU B 134 -21.29 23.03 17.91
C LEU B 134 -22.21 22.31 18.91
N LEU B 135 -21.75 22.11 20.15
CA LEU B 135 -22.66 21.70 21.21
C LEU B 135 -22.90 22.91 22.11
N PRO B 136 -24.12 23.10 22.66
CA PRO B 136 -24.35 24.11 23.68
C PRO B 136 -23.36 24.01 24.85
N PRO B 137 -22.93 25.15 25.45
CA PRO B 137 -21.88 25.13 26.47
C PRO B 137 -22.09 24.20 27.66
N GLU B 138 -23.37 23.92 28.00
CA GLU B 138 -23.73 23.27 29.25
C GLU B 138 -24.22 21.84 28.99
N VAL B 139 -23.87 21.29 27.83
CA VAL B 139 -24.51 20.08 27.36
C VAL B 139 -24.19 18.94 28.33
N ASN B 140 -25.20 18.11 28.58
CA ASN B 140 -25.06 16.89 29.37
C ASN B 140 -25.03 15.66 28.45
N ILE B 141 -23.98 14.84 28.55
CA ILE B 141 -23.89 13.58 27.80
C ILE B 141 -23.96 12.38 28.74
N ILE B 142 -24.96 11.50 28.53
CA ILE B 142 -25.15 10.32 29.34
C ILE B 142 -24.90 9.06 28.51
N GLY B 143 -23.88 8.28 28.92
CA GLY B 143 -23.67 6.93 28.41
C GLY B 143 -24.48 5.89 29.20
N TYR B 144 -25.49 5.32 28.53
CA TYR B 144 -26.40 4.34 29.10
C TYR B 144 -26.01 2.95 28.59
N ALA B 145 -25.63 2.07 29.53
CA ALA B 145 -25.25 0.70 29.18
C ALA B 145 -25.81 -0.26 30.20
N ARG B 146 -25.90 -1.53 29.76
CA ARG B 146 -26.49 -2.65 30.46
C ARG B 146 -25.53 -3.26 31.48
N THR B 147 -24.28 -2.80 31.49
CA THR B 147 -23.18 -3.47 32.16
C THR B 147 -22.58 -2.53 33.19
N LYS B 148 -22.38 -3.03 34.42
CA LYS B 148 -21.92 -2.22 35.53
C LYS B 148 -20.48 -1.79 35.26
N VAL B 149 -20.06 -0.76 36.01
CA VAL B 149 -18.75 -0.14 35.91
C VAL B 149 -18.41 0.38 37.31
N ASP B 150 -17.32 -0.16 37.87
CA ASP B 150 -16.85 0.20 39.20
C ASP B 150 -16.32 1.64 39.19
N ASP B 151 -15.71 2.05 38.08
CA ASP B 151 -15.00 3.33 38.02
C ASP B 151 -15.36 4.03 36.71
N VAL B 152 -16.31 4.98 36.83
CA VAL B 152 -16.75 5.81 35.72
C VAL B 152 -15.57 6.56 35.14
N GLU B 153 -14.68 7.08 35.99
CA GLU B 153 -13.57 7.90 35.51
C GLU B 153 -12.61 7.07 34.67
N LYS B 154 -12.33 5.83 35.12
CA LYS B 154 -11.51 4.91 34.35
C LYS B 154 -12.26 4.54 33.07
N TRP B 155 -13.59 4.45 33.12
CA TRP B 155 -14.35 4.14 31.92
C TRP B 155 -14.16 5.24 30.88
N LYS B 156 -14.28 6.50 31.31
CA LYS B 156 -14.18 7.61 30.38
C LYS B 156 -12.78 7.72 29.78
N HIS B 157 -11.72 7.59 30.60
CA HIS B 157 -10.36 7.63 30.08
C HIS B 157 -10.12 6.43 29.16
N GLU B 158 -10.33 5.21 29.68
CA GLU B 158 -9.75 4.01 29.09
C GLU B 158 -10.66 3.47 27.97
N THR B 159 -11.95 3.76 28.03
CA THR B 159 -12.89 3.23 27.06
C THR B 159 -13.31 4.31 26.06
N LEU B 160 -13.32 5.59 26.45
CA LEU B 160 -13.75 6.64 25.51
C LEU B 160 -12.55 7.40 24.94
N MET B 161 -11.76 8.01 25.83
CA MET B 161 -10.80 9.02 25.41
C MET B 161 -9.72 8.41 24.50
N LYS B 162 -9.50 7.09 24.59
CA LYS B 162 -8.58 6.38 23.70
C LYS B 162 -8.94 6.58 22.22
N TYR B 163 -10.22 6.79 21.90
CA TYR B 163 -10.67 6.90 20.53
C TYR B 163 -10.82 8.36 20.13
N PHE B 164 -10.53 9.29 21.07
CA PHE B 164 -10.55 10.70 20.74
C PHE B 164 -9.36 11.00 19.83
N SER B 165 -9.64 11.66 18.70
CA SER B 165 -8.61 12.25 17.86
C SER B 165 -7.51 12.88 18.71
N ASN B 166 -6.25 12.53 18.41
CA ASN B 166 -5.11 13.01 19.19
C ASN B 166 -4.49 14.26 18.56
N LEU B 167 -5.20 14.89 17.61
CA LEU B 167 -4.69 16.06 16.91
C LEU B 167 -4.57 17.22 17.90
N SER B 168 -3.33 17.70 18.13
CA SER B 168 -3.03 18.72 19.13
C SER B 168 -4.13 19.76 19.28
N GLU B 169 -4.64 20.29 18.15
CA GLU B 169 -5.72 21.28 18.13
C GLU B 169 -6.91 20.80 18.97
N ARG B 170 -7.07 19.47 19.06
CA ARG B 170 -7.97 18.79 19.99
C ARG B 170 -7.16 17.88 20.90
N GLY B 171 -7.68 17.58 22.09
CA GLY B 171 -6.90 16.82 23.07
C GLY B 171 -6.22 17.75 24.07
N CYS B 172 -6.36 19.06 23.86
CA CYS B 172 -6.25 20.07 24.90
C CYS B 172 -7.64 20.41 25.44
N HIS B 173 -8.67 19.70 24.93
CA HIS B 173 -10.06 19.89 25.33
C HIS B 173 -10.69 18.60 25.84
N ALA B 174 -9.96 17.48 25.79
CA ALA B 174 -10.48 16.15 26.13
C ALA B 174 -10.99 16.12 27.57
N GLU B 175 -10.15 16.53 28.52
CA GLU B 175 -10.55 16.54 29.92
C GLU B 175 -11.82 17.37 30.10
N ASP B 176 -11.95 18.52 29.42
CA ASP B 176 -13.12 19.36 29.63
C ASP B 176 -14.37 18.66 29.09
N PHE B 177 -14.23 17.95 27.98
CA PHE B 177 -15.35 17.22 27.41
C PHE B 177 -15.78 16.09 28.35
N LEU B 178 -14.81 15.37 28.95
CA LEU B 178 -15.13 14.24 29.81
C LEU B 178 -16.00 14.70 30.99
N LYS B 179 -15.86 15.96 31.40
CA LYS B 179 -16.65 16.52 32.49
C LYS B 179 -18.12 16.66 32.10
N HIS B 180 -18.43 16.62 30.81
CA HIS B 180 -19.82 16.67 30.40
C HIS B 180 -20.43 15.28 30.28
N ILE B 181 -19.62 14.21 30.47
CA ILE B 181 -20.09 12.85 30.25
C ILE B 181 -20.32 12.14 31.58
N SER B 182 -21.49 11.48 31.69
CA SER B 182 -21.85 10.61 32.81
C SER B 182 -22.20 9.22 32.30
N TYR B 183 -21.90 8.20 33.11
CA TYR B 183 -22.30 6.83 32.87
C TYR B 183 -23.59 6.48 33.60
N PHE B 184 -24.53 5.83 32.93
CA PHE B 184 -25.72 5.32 33.60
C PHE B 184 -25.88 3.84 33.24
N CYS B 185 -26.20 3.02 34.25
CA CYS B 185 -26.33 1.58 34.11
C CYS B 185 -27.77 1.18 34.39
N GLY B 186 -28.44 0.58 33.38
CA GLY B 186 -29.80 0.11 33.48
C GLY B 186 -30.14 -0.91 32.39
N ALA B 187 -31.35 -1.47 32.43
CA ALA B 187 -31.83 -2.39 31.40
C ALA B 187 -32.42 -1.59 30.25
N TYR B 188 -32.65 -2.27 29.11
CA TYR B 188 -33.24 -1.64 27.94
C TYR B 188 -34.75 -1.91 27.84
N ASP B 189 -35.32 -2.65 28.80
CA ASP B 189 -36.72 -3.02 28.72
C ASP B 189 -37.52 -2.62 29.97
N SER B 190 -36.84 -2.13 31.01
CA SER B 190 -37.46 -1.99 32.33
C SER B 190 -37.77 -0.52 32.63
N VAL B 191 -39.04 -0.21 32.86
CA VAL B 191 -39.49 1.17 32.93
C VAL B 191 -38.87 1.91 34.12
N ASP B 192 -38.72 1.23 35.26
CA ASP B 192 -38.21 1.87 36.46
C ASP B 192 -36.78 2.35 36.23
N ASP B 193 -36.06 1.70 35.31
CA ASP B 193 -34.72 2.16 34.97
C ASP B 193 -34.81 3.50 34.25
N PHE B 194 -35.83 3.69 33.41
CA PHE B 194 -35.93 4.89 32.59
C PHE B 194 -36.40 6.08 33.43
N LYS B 195 -37.16 5.78 34.49
CA LYS B 195 -37.56 6.76 35.49
C LYS B 195 -36.35 7.17 36.31
N ARG B 196 -35.55 6.19 36.73
CA ARG B 196 -34.32 6.51 37.46
C ARG B 196 -33.51 7.47 36.58
N LEU B 197 -33.46 7.14 35.27
CA LEU B 197 -32.70 7.90 34.30
C LEU B 197 -33.28 9.29 34.16
N ASP B 198 -34.62 9.35 34.07
CA ASP B 198 -35.34 10.60 33.95
C ASP B 198 -35.01 11.51 35.12
N ALA B 199 -34.83 10.91 36.31
CA ALA B 199 -34.59 11.72 37.49
C ALA B 199 -33.13 12.14 37.54
N VAL B 200 -32.21 11.36 36.95
CA VAL B 200 -30.83 11.83 36.81
C VAL B 200 -30.83 13.04 35.87
N ILE B 201 -31.64 12.97 34.79
CA ILE B 201 -31.61 14.01 33.76
C ILE B 201 -32.26 15.27 34.30
N ARG B 202 -33.41 15.14 34.99
CA ARG B 202 -34.12 16.28 35.56
C ARG B 202 -33.16 17.05 36.48
N GLU B 203 -32.39 16.32 37.27
CA GLU B 203 -31.46 16.98 38.19
C GLU B 203 -30.59 17.96 37.43
N LYS B 204 -30.16 17.62 36.21
CA LYS B 204 -29.28 18.47 35.42
C LYS B 204 -30.07 19.55 34.66
N GLU B 205 -31.23 19.19 34.12
CA GLU B 205 -32.11 20.16 33.48
C GLU B 205 -32.46 21.30 34.44
N ASN B 206 -32.75 20.96 35.70
CA ASN B 206 -33.28 21.89 36.67
C ASN B 206 -32.20 22.80 37.20
N ALA B 207 -30.93 22.41 37.05
CA ALA B 207 -29.81 23.25 37.43
C ALA B 207 -29.46 24.20 36.29
N PHE B 208 -30.16 24.12 35.15
CA PHE B 208 -29.75 24.85 33.96
C PHE B 208 -29.76 26.35 34.24
N LYS B 209 -28.63 27.02 33.90
CA LYS B 209 -28.35 28.38 34.33
C LYS B 209 -28.60 29.37 33.20
N GLY B 210 -29.78 29.26 32.56
CA GLY B 210 -30.12 30.04 31.38
C GLY B 210 -31.62 30.21 31.26
N PRO B 211 -32.13 30.90 30.22
CA PRO B 211 -33.53 31.36 30.17
C PRO B 211 -34.64 30.32 30.33
N GLU B 212 -34.77 29.37 29.39
CA GLU B 212 -35.96 28.52 29.32
C GLU B 212 -35.88 27.34 30.28
N LYS B 213 -37.03 26.69 30.49
CA LYS B 213 -37.18 25.64 31.47
C LYS B 213 -37.31 24.28 30.78
N GLY B 214 -37.13 23.20 31.57
CA GLY B 214 -37.16 21.84 31.07
C GLY B 214 -35.83 21.46 30.45
N GLY B 215 -35.88 20.84 29.27
CA GLY B 215 -34.67 20.47 28.56
C GLY B 215 -34.97 19.61 27.34
N ASN B 216 -34.13 19.75 26.31
CA ASN B 216 -34.21 18.93 25.11
C ASN B 216 -33.40 17.65 25.28
N ARG B 217 -33.91 16.56 24.72
CA ARG B 217 -33.28 15.26 24.91
C ARG B 217 -33.15 14.59 23.55
N LEU B 218 -31.89 14.36 23.17
CA LEU B 218 -31.54 13.55 22.02
C LEU B 218 -31.17 12.15 22.48
N PHE B 219 -31.95 11.15 22.09
CA PHE B 219 -31.66 9.76 22.44
C PHE B 219 -30.95 9.07 21.26
N TYR B 220 -29.74 8.54 21.51
CA TYR B 220 -28.99 7.87 20.46
C TYR B 220 -29.00 6.36 20.69
N LEU B 221 -29.65 5.61 19.77
CA LEU B 221 -29.83 4.18 19.98
C LEU B 221 -28.74 3.43 19.21
N ALA B 222 -27.55 3.34 19.83
CA ALA B 222 -26.42 2.66 19.21
C ALA B 222 -26.47 1.20 19.62
N LEU B 223 -27.53 0.53 19.15
CA LEU B 223 -27.97 -0.76 19.65
C LEU B 223 -28.31 -1.69 18.49
N PRO B 224 -28.45 -3.01 18.75
CA PRO B 224 -29.02 -3.91 17.75
C PRO B 224 -30.52 -3.61 17.62
N PRO B 225 -31.08 -3.67 16.39
CA PRO B 225 -32.49 -3.35 16.16
C PRO B 225 -33.52 -4.07 17.01
N SER B 226 -33.18 -5.30 17.46
CA SER B 226 -34.07 -6.15 18.22
C SER B 226 -34.54 -5.52 19.54
N VAL B 227 -33.86 -4.48 20.04
CA VAL B 227 -34.24 -3.79 21.28
C VAL B 227 -34.74 -2.36 21.03
N PHE B 228 -34.80 -1.90 19.76
CA PHE B 228 -35.25 -0.55 19.47
C PHE B 228 -36.67 -0.32 19.96
N ALA B 229 -37.56 -1.31 19.84
CA ALA B 229 -38.96 -1.06 20.17
C ALA B 229 -39.11 -0.89 21.68
N SER B 230 -38.45 -1.76 22.45
CA SER B 230 -38.60 -1.77 23.89
C SER B 230 -38.01 -0.49 24.50
N VAL B 231 -36.91 0.00 23.92
CA VAL B 231 -36.25 1.21 24.37
C VAL B 231 -37.12 2.43 24.05
N CYS B 232 -37.65 2.53 22.82
CA CYS B 232 -38.47 3.68 22.47
C CYS B 232 -39.69 3.76 23.39
N GLU B 233 -40.26 2.59 23.70
CA GLU B 233 -41.42 2.47 24.59
C GLU B 233 -41.03 2.82 26.02
N SER B 234 -39.92 2.25 26.47
CA SER B 234 -39.37 2.57 27.77
C SER B 234 -39.21 4.07 27.89
N ILE B 235 -38.69 4.68 26.82
CA ILE B 235 -38.48 6.12 26.79
C ILE B 235 -39.82 6.82 26.90
N HIS B 236 -40.79 6.39 26.08
CA HIS B 236 -42.09 7.04 26.06
C HIS B 236 -42.74 6.94 27.44
N LYS B 237 -42.64 5.77 28.07
CA LYS B 237 -43.35 5.53 29.32
C LYS B 237 -42.66 6.21 30.50
N GLY B 238 -41.34 6.47 30.40
CA GLY B 238 -40.53 6.81 31.58
C GLY B 238 -39.62 8.03 31.45
N ALA B 239 -39.27 8.51 30.24
CA ALA B 239 -38.20 9.52 30.19
C ALA B 239 -38.38 10.57 29.08
N MET B 240 -39.63 10.89 28.73
CA MET B 240 -39.89 12.00 27.83
C MET B 240 -39.51 13.31 28.52
N PRO B 241 -39.24 14.39 27.76
CA PRO B 241 -38.87 15.66 28.37
C PRO B 241 -39.94 16.22 29.29
N GLN B 242 -39.56 17.13 30.20
CA GLN B 242 -40.52 17.77 31.10
C GLN B 242 -41.58 18.49 30.28
N GLU B 243 -42.81 18.53 30.81
CA GLU B 243 -43.94 19.17 30.16
C GLU B 243 -43.68 20.67 29.95
N VAL B 244 -43.10 21.32 30.96
CA VAL B 244 -42.76 22.74 30.87
C VAL B 244 -42.01 23.03 29.57
N GLY B 245 -41.22 22.08 29.06
CA GLY B 245 -40.71 22.21 27.71
C GLY B 245 -39.54 21.30 27.35
N GLY B 246 -39.24 21.29 26.05
CA GLY B 246 -38.15 20.51 25.47
C GLY B 246 -38.67 19.50 24.45
N TRP B 247 -37.86 19.23 23.42
CA TRP B 247 -38.21 18.23 22.41
C TRP B 247 -37.52 16.91 22.72
N VAL B 248 -38.06 15.87 22.08
CA VAL B 248 -37.43 14.56 22.08
C VAL B 248 -37.15 14.17 20.63
N ARG B 249 -35.90 13.77 20.38
CA ARG B 249 -35.46 13.19 19.12
C ARG B 249 -34.72 11.89 19.39
N VAL B 250 -34.88 10.94 18.45
CA VAL B 250 -34.29 9.62 18.54
C VAL B 250 -33.56 9.30 17.23
N ILE B 251 -32.26 9.07 17.33
CA ILE B 251 -31.48 8.54 16.22
C ILE B 251 -31.42 7.00 16.37
N ILE B 252 -31.79 6.29 15.30
CA ILE B 252 -31.64 4.83 15.27
C ILE B 252 -30.64 4.44 14.18
N GLU B 253 -29.87 3.40 14.49
CA GLU B 253 -28.83 2.90 13.62
C GLU B 253 -29.39 1.76 12.77
N LYS B 254 -28.71 1.48 11.67
CA LYS B 254 -29.09 0.39 10.79
C LYS B 254 -28.78 -0.95 11.46
N PRO B 255 -29.27 -2.10 10.96
CA PRO B 255 -30.23 -2.16 9.86
C PRO B 255 -31.67 -1.83 10.22
N PHE B 256 -32.39 -1.24 9.24
CA PHE B 256 -33.81 -0.97 9.33
C PHE B 256 -34.55 -2.03 8.53
N GLY B 257 -34.73 -3.20 9.17
CA GLY B 257 -35.32 -4.37 8.54
C GLY B 257 -34.27 -5.12 7.71
N ARG B 258 -34.73 -6.11 6.94
CA ARG B 258 -33.90 -6.87 6.01
C ARG B 258 -34.66 -7.09 4.70
N ASP B 259 -35.90 -6.61 4.64
CA ASP B 259 -36.77 -6.71 3.48
C ASP B 259 -38.00 -5.85 3.77
N THR B 260 -38.89 -5.73 2.78
CA THR B 260 -40.10 -4.94 2.90
C THR B 260 -40.83 -5.29 4.19
N LYS B 261 -41.05 -6.57 4.46
CA LYS B 261 -41.95 -7.01 5.51
C LYS B 261 -41.34 -6.66 6.89
N SER B 262 -40.10 -7.11 7.16
CA SER B 262 -39.48 -6.86 8.45
C SER B 262 -39.28 -5.36 8.67
N SER B 263 -39.04 -4.58 7.61
CA SER B 263 -38.80 -3.15 7.77
C SER B 263 -40.06 -2.40 8.19
N ALA B 264 -41.18 -2.64 7.47
CA ALA B 264 -42.48 -2.08 7.79
C ALA B 264 -42.92 -2.41 9.22
N GLU B 265 -42.67 -3.64 9.65
CA GLU B 265 -42.97 -4.05 11.01
C GLU B 265 -42.25 -3.13 12.00
N LEU B 266 -40.94 -2.92 11.81
CA LEU B 266 -40.16 -2.12 12.75
C LEU B 266 -40.67 -0.68 12.72
N SER B 267 -41.00 -0.15 11.55
CA SER B 267 -41.67 1.14 11.44
C SER B 267 -42.97 1.19 12.27
N GLN B 268 -43.80 0.15 12.17
CA GLN B 268 -45.08 0.16 12.87
C GLN B 268 -44.84 0.12 14.37
N ALA B 269 -43.78 -0.61 14.76
CA ALA B 269 -43.43 -0.82 16.15
C ALA B 269 -42.96 0.48 16.80
N LEU B 270 -42.41 1.41 15.99
CA LEU B 270 -41.83 2.65 16.52
C LEU B 270 -42.81 3.82 16.47
N GLU B 271 -43.78 3.78 15.56
CA GLU B 271 -44.53 4.97 15.21
C GLU B 271 -45.55 5.37 16.30
N PRO B 272 -46.00 4.50 17.22
CA PRO B 272 -46.83 4.98 18.33
C PRO B 272 -46.05 5.73 19.39
N PHE B 273 -44.72 5.79 19.28
CA PHE B 273 -43.89 6.48 20.26
C PHE B 273 -43.22 7.72 19.66
N PHE B 274 -42.78 7.64 18.40
CA PHE B 274 -42.07 8.75 17.79
C PHE B 274 -42.55 8.91 16.35
N ASP B 275 -42.98 10.13 16.01
CA ASP B 275 -43.38 10.44 14.65
C ASP B 275 -42.12 10.76 13.84
N GLU B 276 -42.32 11.17 12.57
CA GLU B 276 -41.22 11.35 11.63
C GLU B 276 -40.50 12.69 11.81
N SER B 277 -40.99 13.55 12.71
CA SER B 277 -40.22 14.74 13.06
C SER B 277 -39.25 14.43 14.19
N GLN B 278 -39.43 13.29 14.88
CA GLN B 278 -38.60 12.96 16.05
C GLN B 278 -37.65 11.80 15.76
N LEU B 279 -38.02 10.95 14.80
CA LEU B 279 -37.26 9.75 14.51
C LEU B 279 -36.23 10.05 13.41
N TYR B 280 -34.93 9.81 13.69
CA TYR B 280 -33.86 10.05 12.73
C TYR B 280 -33.09 8.75 12.50
N ARG B 281 -33.33 8.12 11.33
CA ARG B 281 -32.65 6.90 10.89
C ARG B 281 -31.34 7.30 10.22
N ILE B 282 -30.19 7.00 10.85
CA ILE B 282 -28.94 7.59 10.40
C ILE B 282 -28.24 6.65 9.41
N ASP B 283 -27.79 7.25 8.30
CA ASP B 283 -26.81 6.70 7.37
C ASP B 283 -25.53 7.49 7.51
N HIS B 284 -24.54 6.91 8.20
CA HIS B 284 -23.31 7.60 8.61
C HIS B 284 -22.50 8.16 7.45
N TYR B 285 -22.69 7.60 6.25
CA TYR B 285 -21.81 7.90 5.13
C TYR B 285 -22.32 9.13 4.37
N LEU B 286 -23.57 9.56 4.59
CA LEU B 286 -24.09 10.65 3.78
C LEU B 286 -23.59 12.00 4.31
N GLY B 287 -22.53 12.50 3.67
CA GLY B 287 -21.94 13.78 3.97
C GLY B 287 -22.79 14.93 3.44
N LYS B 288 -22.85 15.99 4.25
CA LYS B 288 -23.56 17.23 3.93
C LYS B 288 -22.92 17.87 2.70
N GLU B 289 -21.59 17.87 2.66
CA GLU B 289 -20.83 18.48 1.59
C GLU B 289 -21.19 17.82 0.25
N MET B 290 -21.25 16.48 0.22
CA MET B 290 -21.64 15.78 -1.00
C MET B 290 -23.08 16.13 -1.38
N VAL B 291 -23.97 16.18 -0.40
CA VAL B 291 -25.37 16.49 -0.65
C VAL B 291 -25.49 17.90 -1.26
N GLN B 292 -24.65 18.85 -0.80
CA GLN B 292 -24.68 20.18 -1.40
C GLN B 292 -24.13 20.14 -2.83
N ASN B 293 -23.10 19.31 -3.04
CA ASN B 293 -22.51 19.18 -4.37
C ASN B 293 -23.56 18.68 -5.36
N ILE B 294 -24.41 17.75 -4.92
CA ILE B 294 -25.41 17.15 -5.78
C ILE B 294 -26.53 18.17 -6.05
N ILE B 295 -26.99 18.86 -4.99
CA ILE B 295 -28.17 19.68 -5.07
C ILE B 295 -27.85 21.03 -5.74
N THR B 296 -26.80 21.71 -5.26
CA THR B 296 -26.53 23.11 -5.59
C THR B 296 -25.94 23.24 -7.00
N THR B 297 -24.96 22.39 -7.33
CA THR B 297 -24.31 22.47 -8.62
C THR B 297 -25.38 22.41 -9.71
N ARG B 298 -26.37 21.54 -9.48
CA ARG B 298 -27.37 21.25 -10.48
C ARG B 298 -28.46 22.31 -10.46
N PHE B 299 -29.14 22.48 -9.32
CA PHE B 299 -30.39 23.23 -9.29
C PHE B 299 -30.16 24.75 -9.29
N ALA B 300 -28.94 25.22 -8.99
CA ALA B 300 -28.69 26.65 -8.99
C ALA B 300 -28.19 27.15 -10.33
N ASN B 301 -27.81 26.21 -11.22
CA ASN B 301 -27.19 26.54 -12.49
C ASN B 301 -28.01 25.99 -13.65
N ARG B 302 -28.29 26.85 -14.63
CA ARG B 302 -29.06 26.48 -15.81
C ARG B 302 -28.24 25.50 -16.66
N ILE B 303 -26.93 25.71 -16.73
CA ILE B 303 -26.07 24.87 -17.53
C ILE B 303 -26.22 23.42 -17.09
N PHE B 304 -26.25 23.20 -15.77
CA PHE B 304 -26.26 21.84 -15.28
C PHE B 304 -27.68 21.28 -15.24
N SER B 305 -28.69 22.10 -14.90
CA SER B 305 -30.05 21.56 -14.83
C SER B 305 -30.56 21.15 -16.21
N ALA B 306 -30.10 21.85 -17.27
CA ALA B 306 -30.60 21.59 -18.62
C ALA B 306 -30.12 20.24 -19.15
N VAL B 307 -28.92 19.77 -18.72
CA VAL B 307 -28.37 18.53 -19.24
C VAL B 307 -28.68 17.35 -18.30
N TRP B 308 -29.38 17.59 -17.19
CA TRP B 308 -29.59 16.58 -16.16
C TRP B 308 -30.79 15.71 -16.50
N ASN B 309 -30.67 14.92 -17.58
CA ASN B 309 -31.82 14.20 -18.11
C ASN B 309 -31.36 13.17 -19.16
N ALA B 310 -32.34 12.38 -19.64
CA ALA B 310 -32.19 11.30 -20.61
C ALA B 310 -31.69 11.81 -21.96
N SER B 311 -32.02 13.06 -22.33
CA SER B 311 -31.64 13.59 -23.63
C SER B 311 -30.11 13.74 -23.70
N ASN B 312 -29.41 13.75 -22.54
CA ASN B 312 -28.00 14.10 -22.56
C ASN B 312 -27.09 13.16 -21.76
N ILE B 313 -27.63 12.36 -20.86
CA ILE B 313 -26.81 11.51 -20.02
C ILE B 313 -26.87 10.10 -20.59
N ALA B 314 -25.69 9.47 -20.67
CA ALA B 314 -25.54 8.15 -21.24
C ALA B 314 -25.60 7.12 -20.13
N CYS B 315 -24.90 7.38 -19.01
CA CYS B 315 -25.00 6.50 -17.86
C CYS B 315 -24.61 7.23 -16.57
N VAL B 316 -25.14 6.73 -15.45
CA VAL B 316 -24.90 7.30 -14.13
C VAL B 316 -24.47 6.14 -13.24
N GLN B 317 -23.33 6.29 -12.55
CA GLN B 317 -22.80 5.25 -11.69
C GLN B 317 -22.49 5.82 -10.32
N ILE B 318 -22.97 5.11 -9.30
CA ILE B 318 -22.73 5.45 -7.91
C ILE B 318 -21.89 4.33 -7.30
N THR B 319 -20.67 4.65 -6.86
CA THR B 319 -19.66 3.66 -6.50
C THR B 319 -19.24 3.81 -5.04
N PHE B 320 -19.20 2.68 -4.31
CA PHE B 320 -18.73 2.62 -2.93
C PHE B 320 -17.75 1.46 -2.78
N LYS B 321 -16.46 1.79 -2.68
CA LYS B 321 -15.40 0.80 -2.69
C LYS B 321 -14.57 0.90 -1.42
N GLU B 322 -14.18 -0.26 -0.89
CA GLU B 322 -13.34 -0.34 0.30
C GLU B 322 -12.22 -1.34 0.02
N THR B 323 -11.04 -1.07 0.60
CA THR B 323 -9.93 -2.01 0.58
C THR B 323 -10.06 -3.04 1.70
N ILE B 324 -10.66 -2.68 2.84
CA ILE B 324 -10.76 -3.63 3.94
C ILE B 324 -11.73 -4.77 3.60
N GLY B 325 -11.55 -5.89 4.31
CA GLY B 325 -12.44 -7.05 4.27
C GLY B 325 -13.49 -7.00 5.38
N THR B 326 -14.06 -8.17 5.71
CA THR B 326 -15.07 -8.29 6.75
C THR B 326 -14.40 -8.38 8.11
N GLU B 327 -13.07 -8.63 8.12
CA GLU B 327 -12.21 -8.34 9.25
C GLU B 327 -12.58 -9.17 10.48
N GLY B 328 -12.88 -10.45 10.27
CA GLY B 328 -13.23 -11.32 11.37
C GLY B 328 -14.66 -11.13 11.87
N ARG B 329 -15.39 -10.12 11.33
CA ARG B 329 -16.82 -9.95 11.58
C ARG B 329 -17.61 -10.65 10.46
N GLY B 330 -16.98 -11.63 9.82
CA GLY B 330 -17.51 -12.26 8.63
C GLY B 330 -18.87 -12.88 8.91
N GLY B 331 -18.98 -13.46 10.11
CA GLY B 331 -20.19 -14.11 10.55
C GLY B 331 -21.39 -13.16 10.68
N TYR B 332 -21.12 -11.91 11.10
CA TYR B 332 -22.18 -10.92 11.22
C TYR B 332 -22.59 -10.46 9.83
N PHE B 333 -21.58 -10.23 8.98
CA PHE B 333 -21.79 -9.79 7.61
C PHE B 333 -22.55 -10.87 6.82
N ASP B 334 -22.34 -12.15 7.16
CA ASP B 334 -22.85 -13.25 6.37
C ASP B 334 -24.38 -13.25 6.38
N SER B 335 -24.98 -12.71 7.45
CA SER B 335 -26.42 -12.55 7.55
C SER B 335 -26.97 -11.32 6.80
N ILE B 336 -26.11 -10.43 6.30
CA ILE B 336 -26.53 -9.13 5.77
C ILE B 336 -26.25 -9.09 4.28
N GLY B 337 -24.96 -9.19 3.94
CA GLY B 337 -24.51 -9.07 2.56
C GLY B 337 -24.36 -7.61 2.12
N ILE B 338 -23.64 -7.41 1.03
CA ILE B 338 -23.23 -6.07 0.63
C ILE B 338 -24.43 -5.25 0.19
N ILE B 339 -25.48 -5.92 -0.34
CA ILE B 339 -26.66 -5.26 -0.87
C ILE B 339 -27.43 -4.59 0.28
N ARG B 340 -27.76 -5.32 1.33
CA ARG B 340 -28.44 -4.69 2.46
C ARG B 340 -27.48 -3.79 3.24
N ASP B 341 -26.18 -4.11 3.23
CA ASP B 341 -25.23 -3.37 4.04
C ASP B 341 -25.12 -1.92 3.55
N VAL B 342 -25.00 -1.68 2.24
CA VAL B 342 -24.66 -0.33 1.81
C VAL B 342 -25.47 0.15 0.60
N MET B 343 -26.12 -0.76 -0.14
CA MET B 343 -26.72 -0.42 -1.43
C MET B 343 -28.19 0.01 -1.23
N GLN B 344 -28.99 -0.81 -0.53
CA GLN B 344 -30.40 -0.52 -0.29
C GLN B 344 -30.60 0.73 0.58
N ASN B 345 -29.59 1.12 1.38
CA ASN B 345 -29.69 2.28 2.26
C ASN B 345 -28.87 3.45 1.71
N HIS B 346 -27.56 3.32 1.69
CA HIS B 346 -26.70 4.46 1.43
C HIS B 346 -26.74 4.90 -0.04
N LEU B 347 -26.48 3.98 -0.98
CA LEU B 347 -26.39 4.32 -2.39
C LEU B 347 -27.75 4.75 -2.92
N THR B 348 -28.85 4.16 -2.44
CA THR B 348 -30.20 4.51 -2.86
C THR B 348 -30.55 5.94 -2.41
N GLN B 349 -29.97 6.36 -1.29
CA GLN B 349 -30.17 7.72 -0.81
C GLN B 349 -29.44 8.71 -1.71
N ILE B 350 -28.25 8.35 -2.17
CA ILE B 350 -27.50 9.18 -3.11
C ILE B 350 -28.22 9.22 -4.46
N LEU B 351 -28.77 8.08 -4.86
CA LEU B 351 -29.52 7.98 -6.10
C LEU B 351 -30.71 8.94 -6.08
N ALA B 352 -31.53 8.88 -5.02
CA ALA B 352 -32.73 9.74 -4.91
C ALA B 352 -32.39 11.22 -5.10
N LEU B 353 -31.39 11.73 -4.37
CA LEU B 353 -30.97 13.12 -4.46
C LEU B 353 -30.47 13.47 -5.87
N LEU B 354 -29.85 12.47 -6.53
CA LEU B 354 -29.26 12.63 -7.85
C LEU B 354 -30.32 12.70 -8.93
N ALA B 355 -31.43 11.96 -8.73
CA ALA B 355 -32.41 11.72 -9.76
C ALA B 355 -33.72 12.48 -9.52
N MET B 356 -33.91 13.11 -8.35
CA MET B 356 -35.19 13.68 -7.99
C MET B 356 -35.49 14.87 -8.88
N GLU B 357 -36.78 15.20 -9.01
CA GLU B 357 -37.23 16.44 -9.62
C GLU B 357 -36.92 17.60 -8.68
N LYS B 358 -36.95 18.81 -9.22
CA LYS B 358 -36.67 20.02 -8.43
C LYS B 358 -37.68 20.11 -7.28
N PRO B 359 -37.22 20.23 -6.02
CA PRO B 359 -38.15 20.39 -4.90
C PRO B 359 -38.81 21.78 -4.85
N ARG B 360 -39.95 21.86 -4.15
CA ARG B 360 -40.77 23.07 -4.12
C ARG B 360 -40.00 24.16 -3.39
N SER B 361 -39.26 23.76 -2.35
CA SER B 361 -38.31 24.63 -1.67
C SER B 361 -37.12 23.78 -1.21
N LEU B 362 -36.13 24.42 -0.60
CA LEU B 362 -35.00 23.68 -0.04
C LEU B 362 -35.28 23.31 1.41
N ASP B 363 -36.53 23.37 1.84
CA ASP B 363 -36.91 22.87 3.15
C ASP B 363 -36.74 21.36 3.17
N ALA B 364 -36.40 20.85 4.35
CA ALA B 364 -36.10 19.44 4.55
C ALA B 364 -37.20 18.53 3.99
N GLU B 365 -38.45 18.78 4.35
CA GLU B 365 -39.49 17.82 4.02
C GLU B 365 -39.88 17.93 2.55
N CYS B 366 -39.60 19.08 1.91
CA CYS B 366 -39.78 19.18 0.47
C CYS B 366 -38.73 18.33 -0.25
N ILE B 367 -37.49 18.30 0.24
CA ILE B 367 -36.44 17.50 -0.37
C ILE B 367 -36.80 16.02 -0.21
N ARG B 368 -37.22 15.62 0.98
CA ARG B 368 -37.57 14.22 1.18
C ARG B 368 -38.81 13.83 0.37
N ASP B 369 -39.74 14.76 0.12
CA ASP B 369 -40.89 14.47 -0.73
C ASP B 369 -40.43 14.04 -2.12
N GLU B 370 -39.39 14.69 -2.65
CA GLU B 370 -38.86 14.39 -3.98
C GLU B 370 -38.09 13.08 -3.99
N LYS B 371 -37.33 12.79 -2.92
CA LYS B 371 -36.61 11.53 -2.84
C LYS B 371 -37.62 10.40 -3.01
N VAL B 372 -38.72 10.49 -2.25
CA VAL B 372 -39.78 9.49 -2.28
C VAL B 372 -40.39 9.42 -3.68
N SER B 373 -40.67 10.58 -4.27
CA SER B 373 -41.29 10.60 -5.59
C SER B 373 -40.45 9.82 -6.59
N VAL B 374 -39.13 10.08 -6.60
CA VAL B 374 -38.31 9.49 -7.65
C VAL B 374 -38.15 7.99 -7.42
N LEU B 375 -38.12 7.55 -6.15
CA LEU B 375 -37.85 6.14 -5.87
C LEU B 375 -39.05 5.29 -6.32
N LYS B 376 -40.24 5.86 -6.23
CA LYS B 376 -41.47 5.22 -6.70
C LYS B 376 -41.49 5.00 -8.22
N CYS B 377 -40.57 5.63 -8.96
CA CYS B 377 -40.50 5.40 -10.40
C CYS B 377 -39.56 4.26 -10.72
N ILE B 378 -38.94 3.63 -9.71
CA ILE B 378 -37.88 2.66 -9.98
C ILE B 378 -38.48 1.26 -9.94
N GLU B 379 -38.17 0.46 -10.97
CA GLU B 379 -38.67 -0.91 -11.02
C GLU B 379 -37.87 -1.78 -10.06
N PRO B 380 -38.47 -2.85 -9.48
CA PRO B 380 -37.69 -3.85 -8.76
C PRO B 380 -36.51 -4.33 -9.62
N ILE B 381 -35.32 -4.38 -9.01
CA ILE B 381 -34.12 -4.86 -9.67
C ILE B 381 -34.31 -6.34 -10.01
N THR B 382 -33.83 -6.76 -11.19
CA THR B 382 -33.96 -8.13 -11.69
C THR B 382 -32.60 -8.84 -11.55
N LYS B 383 -32.62 -10.16 -11.35
CA LYS B 383 -31.39 -10.93 -11.20
C LYS B 383 -30.52 -10.86 -12.45
N GLU B 384 -31.14 -10.67 -13.63
CA GLU B 384 -30.42 -10.42 -14.86
C GLU B 384 -29.61 -9.13 -14.76
N ASN B 385 -30.02 -8.21 -13.91
CA ASN B 385 -29.40 -6.89 -13.86
C ASN B 385 -28.48 -6.78 -12.65
N CYS B 386 -27.95 -7.92 -12.19
CA CYS B 386 -27.07 -7.97 -11.02
C CYS B 386 -25.91 -8.96 -11.20
N VAL B 387 -24.70 -8.53 -10.82
CA VAL B 387 -23.50 -9.36 -10.81
C VAL B 387 -22.87 -9.33 -9.41
N LEU B 388 -22.71 -10.50 -8.79
CA LEU B 388 -22.22 -10.61 -7.42
C LEU B 388 -20.82 -11.19 -7.43
N GLY B 389 -20.13 -10.92 -6.33
CA GLY B 389 -18.78 -11.35 -6.09
C GLY B 389 -18.61 -11.73 -4.63
N GLN B 390 -17.66 -12.64 -4.37
CA GLN B 390 -17.20 -12.95 -3.01
C GLN B 390 -15.67 -13.08 -3.05
N TYR B 391 -15.00 -12.27 -2.19
CA TYR B 391 -13.56 -12.10 -2.23
C TYR B 391 -12.83 -13.29 -1.61
N THR B 392 -11.70 -13.62 -2.21
CA THR B 392 -10.77 -14.60 -1.67
C THR B 392 -9.50 -13.86 -1.25
N ALA B 393 -8.54 -14.62 -0.70
CA ALA B 393 -7.36 -14.04 -0.08
C ALA B 393 -6.70 -13.03 -1.02
N SER B 394 -6.21 -11.93 -0.47
CA SER B 394 -5.35 -11.05 -1.23
C SER B 394 -4.05 -11.76 -1.60
N ALA B 395 -3.41 -11.27 -2.66
CA ALA B 395 -2.08 -11.71 -3.05
C ALA B 395 -1.14 -11.79 -1.83
N ASP B 396 -1.17 -10.74 -0.99
CA ASP B 396 -0.38 -10.53 0.23
C ASP B 396 -0.69 -11.48 1.38
N GLY B 397 -1.94 -11.95 1.47
CA GLY B 397 -2.41 -12.63 2.67
C GLY B 397 -2.97 -11.68 3.73
N SER B 398 -2.67 -10.38 3.62
CA SER B 398 -3.07 -9.38 4.59
C SER B 398 -4.59 -9.32 4.73
N ILE B 399 -5.32 -9.68 3.67
CA ILE B 399 -6.76 -9.89 3.75
C ILE B 399 -7.01 -11.38 3.49
N PRO B 400 -7.25 -12.21 4.53
CA PRO B 400 -7.60 -13.60 4.32
C PRO B 400 -8.92 -13.70 3.56
N GLY B 401 -9.18 -14.82 2.90
CA GLY B 401 -10.39 -14.97 2.13
C GLY B 401 -11.63 -14.92 3.01
N TYR B 402 -12.78 -14.62 2.41
CA TYR B 402 -14.00 -14.44 3.17
C TYR B 402 -14.35 -15.77 3.85
N LEU B 403 -14.24 -16.86 3.08
CA LEU B 403 -14.61 -18.20 3.53
C LEU B 403 -13.52 -18.79 4.44
N GLU B 404 -12.42 -18.06 4.70
CA GLU B 404 -11.39 -18.53 5.62
C GLU B 404 -11.63 -18.00 7.04
N ASP B 405 -12.67 -17.18 7.19
CA ASP B 405 -13.07 -16.69 8.50
C ASP B 405 -13.93 -17.77 9.15
N VAL B 406 -13.53 -18.20 10.36
CA VAL B 406 -14.11 -19.35 11.01
C VAL B 406 -15.55 -19.07 11.43
N THR B 407 -15.94 -17.79 11.57
CA THR B 407 -17.33 -17.43 11.83
C THR B 407 -18.17 -17.43 10.54
N VAL B 408 -17.56 -17.66 9.38
CA VAL B 408 -18.38 -17.78 8.18
C VAL B 408 -18.72 -19.26 8.03
N PRO B 409 -20.00 -19.63 7.92
CA PRO B 409 -20.37 -21.03 7.80
C PRO B 409 -20.03 -21.56 6.42
N GLU B 410 -19.54 -22.80 6.37
CA GLU B 410 -19.21 -23.46 5.12
C GLU B 410 -20.40 -23.39 4.17
N GLY B 411 -20.10 -23.12 2.89
CA GLY B 411 -21.13 -23.07 1.86
C GLY B 411 -21.70 -21.67 1.65
N SER B 412 -21.11 -20.65 2.28
CA SER B 412 -21.69 -19.31 2.25
C SER B 412 -21.62 -18.73 0.84
N THR B 413 -22.75 -18.15 0.42
CA THR B 413 -22.92 -17.51 -0.87
C THR B 413 -23.17 -16.01 -0.64
N CYS B 414 -22.68 -15.50 0.49
CA CYS B 414 -22.87 -14.10 0.84
C CYS B 414 -22.03 -13.22 -0.08
N PRO B 415 -22.68 -12.29 -0.83
CA PRO B 415 -21.97 -11.34 -1.69
C PRO B 415 -21.19 -10.28 -0.92
N THR B 416 -19.88 -10.15 -1.18
CA THR B 416 -19.05 -9.07 -0.65
C THR B 416 -18.86 -7.97 -1.70
N PHE B 417 -19.37 -8.19 -2.93
CA PHE B 417 -19.29 -7.27 -4.04
C PHE B 417 -20.60 -7.37 -4.81
N ALA B 418 -21.11 -6.25 -5.34
CA ALA B 418 -22.28 -6.30 -6.22
C ALA B 418 -22.33 -5.08 -7.12
N VAL B 419 -22.58 -5.30 -8.42
CA VAL B 419 -22.90 -4.24 -9.36
C VAL B 419 -24.27 -4.59 -9.90
N MET B 420 -25.09 -3.58 -10.15
CA MET B 420 -26.44 -3.81 -10.62
C MET B 420 -26.91 -2.53 -11.31
N ARG B 421 -27.87 -2.68 -12.23
CA ARG B 421 -28.50 -1.57 -12.91
C ARG B 421 -29.96 -1.43 -12.44
N LEU B 422 -30.35 -0.16 -12.24
CA LEU B 422 -31.67 0.25 -11.83
C LEU B 422 -32.28 1.06 -12.98
N ASN B 423 -33.59 0.92 -13.21
CA ASN B 423 -34.29 1.69 -14.23
C ASN B 423 -35.29 2.64 -13.58
N ILE B 424 -35.07 3.94 -13.81
CA ILE B 424 -35.98 4.96 -13.36
C ILE B 424 -36.92 5.29 -14.51
N ASN B 425 -38.21 4.96 -14.37
CA ASN B 425 -39.17 5.18 -15.43
C ASN B 425 -39.94 6.47 -15.18
N ASN B 426 -39.41 7.59 -15.68
CA ASN B 426 -40.14 8.85 -15.72
C ASN B 426 -39.56 9.63 -16.89
N ASP B 427 -40.04 10.86 -17.12
CA ASP B 427 -39.75 11.59 -18.34
C ASP B 427 -38.28 12.00 -18.37
N ARG B 428 -37.68 12.16 -17.19
CA ARG B 428 -36.30 12.63 -17.09
C ARG B 428 -35.31 11.50 -17.38
N TRP B 429 -35.68 10.25 -17.06
CA TRP B 429 -34.70 9.20 -16.83
C TRP B 429 -34.93 7.93 -17.62
N ALA B 430 -36.08 7.82 -18.28
CA ALA B 430 -36.43 6.57 -18.91
C ALA B 430 -35.32 6.19 -19.90
N GLY B 431 -34.77 4.99 -19.72
CA GLY B 431 -33.77 4.43 -20.62
C GLY B 431 -32.33 4.77 -20.23
N VAL B 432 -32.15 5.63 -19.21
CA VAL B 432 -30.83 5.96 -18.69
C VAL B 432 -30.35 4.88 -17.71
N PRO B 433 -29.24 4.16 -17.98
CA PRO B 433 -28.69 3.24 -16.96
C PRO B 433 -28.20 3.96 -15.70
N PHE B 434 -28.69 3.49 -14.55
CA PHE B 434 -28.14 3.81 -13.24
C PHE B 434 -27.50 2.55 -12.65
N ILE B 435 -26.20 2.60 -12.49
CA ILE B 435 -25.48 1.47 -11.93
C ILE B 435 -25.12 1.80 -10.49
N LEU B 436 -25.50 0.94 -9.56
CA LEU B 436 -24.97 0.96 -8.20
C LEU B 436 -23.88 -0.08 -8.14
N LYS B 437 -22.76 0.28 -7.52
CA LYS B 437 -21.68 -0.67 -7.36
C LYS B 437 -21.09 -0.51 -5.96
N ALA B 438 -20.94 -1.63 -5.25
CA ALA B 438 -20.33 -1.62 -3.94
C ALA B 438 -19.47 -2.88 -3.76
N GLY B 439 -18.35 -2.68 -3.09
CA GLY B 439 -17.39 -3.77 -2.95
C GLY B 439 -16.55 -3.60 -1.70
N LYS B 440 -16.39 -4.72 -0.99
CA LYS B 440 -15.35 -4.87 -0.01
C LYS B 440 -14.15 -5.58 -0.65
N ALA B 441 -12.96 -5.33 -0.08
CA ALA B 441 -11.71 -5.98 -0.45
C ALA B 441 -11.40 -5.80 -1.93
N VAL B 442 -11.57 -4.58 -2.43
CA VAL B 442 -11.26 -4.25 -3.81
C VAL B 442 -9.97 -3.44 -3.86
N GLU B 443 -9.68 -2.78 -4.99
CA GLU B 443 -8.37 -2.19 -5.23
C GLU B 443 -8.17 -0.86 -4.48
N GLN B 444 -9.20 0.00 -4.33
CA GLN B 444 -9.00 1.26 -3.63
C GLN B 444 -10.23 1.66 -2.83
N LYS B 445 -9.97 2.41 -1.76
CA LYS B 445 -11.03 3.03 -1.01
C LYS B 445 -11.47 4.29 -1.77
N TYR B 446 -12.76 4.31 -2.12
CA TYR B 446 -13.23 5.25 -3.13
C TYR B 446 -14.77 5.30 -3.10
N VAL B 447 -15.30 6.53 -3.03
CA VAL B 447 -16.73 6.80 -3.14
C VAL B 447 -16.95 7.97 -4.11
N ALA B 448 -17.67 7.71 -5.22
CA ALA B 448 -17.91 8.74 -6.23
C ALA B 448 -19.21 8.51 -6.99
N ILE B 449 -19.71 9.61 -7.52
CA ILE B 449 -20.75 9.66 -8.55
C ILE B 449 -20.05 9.94 -9.88
N ARG B 450 -20.34 9.13 -10.89
CA ARG B 450 -19.84 9.37 -12.23
C ARG B 450 -21.02 9.44 -13.19
N ILE B 451 -21.26 10.64 -13.75
CA ILE B 451 -22.23 10.84 -14.82
C ILE B 451 -21.48 10.95 -16.13
N GLN B 452 -21.83 10.11 -17.08
CA GLN B 452 -21.24 10.18 -18.41
C GLN B 452 -22.30 10.69 -19.38
N PHE B 453 -21.98 11.79 -20.10
CA PHE B 453 -22.93 12.34 -21.05
C PHE B 453 -22.71 11.68 -22.41
N ARG B 454 -23.74 11.71 -23.27
CA ARG B 454 -23.62 11.16 -24.61
C ARG B 454 -22.53 11.88 -25.39
N ASP B 455 -21.96 11.15 -26.36
CA ASP B 455 -20.88 11.69 -27.19
C ASP B 455 -21.51 12.60 -28.25
N GLU B 456 -20.76 13.60 -28.69
CA GLU B 456 -21.07 14.31 -29.92
C GLU B 456 -20.18 13.72 -31.02
N VAL B 457 -20.74 12.82 -31.83
CA VAL B 457 -19.97 12.12 -32.86
C VAL B 457 -19.56 13.12 -33.94
N HIS B 458 -20.51 13.93 -34.42
CA HIS B 458 -20.19 14.95 -35.39
C HIS B 458 -20.11 16.32 -34.73
N PRO B 459 -19.19 17.21 -35.13
CA PRO B 459 -18.22 16.95 -36.19
C PRO B 459 -16.87 16.37 -35.79
N TYR B 460 -16.57 16.34 -34.48
CA TYR B 460 -15.23 16.07 -33.99
C TYR B 460 -14.85 14.59 -34.10
N GLY B 461 -15.82 13.67 -33.96
CA GLY B 461 -15.52 12.24 -34.01
C GLY B 461 -14.50 11.81 -32.96
N GLU B 462 -13.36 11.26 -33.39
CA GLU B 462 -12.36 10.73 -32.47
C GLU B 462 -11.57 11.82 -31.77
N ALA B 463 -11.63 13.05 -32.27
CA ALA B 463 -11.00 14.18 -31.61
C ALA B 463 -11.80 14.66 -30.40
N THR B 464 -12.93 14.01 -30.08
CA THR B 464 -13.64 14.27 -28.85
C THR B 464 -14.01 12.97 -28.18
N GLN B 465 -14.68 13.09 -27.03
CA GLN B 465 -14.85 12.02 -26.08
C GLN B 465 -16.00 12.42 -25.14
N ARG B 466 -16.73 11.44 -24.62
CA ARG B 466 -17.85 11.71 -23.73
C ARG B 466 -17.42 12.60 -22.58
N ASN B 467 -18.22 13.65 -22.33
CA ASN B 467 -18.07 14.48 -21.15
C ASN B 467 -18.48 13.68 -19.92
N GLU B 468 -17.96 14.10 -18.77
CA GLU B 468 -18.23 13.47 -17.50
C GLU B 468 -18.41 14.54 -16.43
N LEU B 469 -19.31 14.28 -15.48
CA LEU B 469 -19.29 14.99 -14.20
C LEU B 469 -19.03 13.98 -13.11
N VAL B 470 -18.07 14.31 -12.24
CA VAL B 470 -17.60 13.43 -11.18
C VAL B 470 -17.77 14.14 -9.85
N ILE B 471 -18.53 13.53 -8.93
CA ILE B 471 -18.64 13.98 -7.55
C ILE B 471 -18.06 12.89 -6.67
N ARG B 472 -16.84 13.12 -6.19
CA ARG B 472 -16.14 12.19 -5.34
C ARG B 472 -16.21 12.66 -3.88
N ALA B 473 -16.55 11.73 -2.97
CA ALA B 473 -16.49 12.00 -1.55
C ALA B 473 -15.26 11.36 -0.91
N GLN B 474 -14.88 10.14 -1.35
CA GLN B 474 -13.71 9.48 -0.80
C GLN B 474 -12.77 9.06 -1.94
N PRO B 475 -11.44 9.07 -1.71
CA PRO B 475 -10.86 9.29 -0.39
C PRO B 475 -10.72 10.75 0.04
N SER B 476 -11.12 11.68 -0.85
CA SER B 476 -11.34 13.07 -0.47
C SER B 476 -12.39 13.71 -1.38
N GLU B 477 -12.74 14.96 -1.08
CA GLU B 477 -13.71 15.69 -1.86
C GLU B 477 -13.07 16.19 -3.16
N ALA B 478 -13.75 15.90 -4.27
CA ALA B 478 -13.52 16.57 -5.55
C ALA B 478 -14.84 16.57 -6.31
N MET B 479 -15.09 17.66 -7.05
CA MET B 479 -16.12 17.66 -8.08
C MET B 479 -15.54 18.31 -9.33
N TYR B 480 -15.64 17.62 -10.47
CA TYR B 480 -14.99 18.12 -11.66
C TYR B 480 -15.78 17.66 -12.88
N VAL B 481 -15.73 18.46 -13.95
CA VAL B 481 -16.23 18.05 -15.24
C VAL B 481 -15.05 17.85 -16.18
N LYS B 482 -15.09 16.78 -16.98
CA LYS B 482 -14.15 16.54 -18.06
C LYS B 482 -14.83 16.93 -19.38
N ILE B 483 -14.22 17.91 -20.07
CA ILE B 483 -14.72 18.38 -21.36
C ILE B 483 -13.56 18.38 -22.36
N THR B 484 -13.84 18.51 -23.65
CA THR B 484 -12.73 18.67 -24.58
C THR B 484 -12.61 20.13 -25.00
N THR B 485 -11.37 20.63 -25.07
CA THR B 485 -11.08 21.99 -25.49
C THR B 485 -9.94 22.01 -26.50
N LYS B 486 -9.75 23.18 -27.12
CA LYS B 486 -8.68 23.38 -28.09
C LYS B 486 -7.34 23.29 -27.36
N VAL B 487 -6.28 23.01 -28.12
CA VAL B 487 -4.90 23.11 -27.67
C VAL B 487 -4.28 24.35 -28.31
N PRO B 488 -3.60 25.21 -27.52
CA PRO B 488 -3.07 26.48 -28.05
C PRO B 488 -1.85 26.38 -28.97
N GLY B 489 -2.07 26.58 -30.28
CA GLY B 489 -0.96 26.70 -31.22
C GLY B 489 -1.34 26.19 -32.61
N ASP B 493 -4.79 23.45 -35.60
CA ASP B 493 -5.87 22.75 -36.33
C ASP B 493 -7.02 22.40 -35.38
N LEU B 494 -8.25 22.54 -35.89
CA LEU B 494 -9.48 22.34 -35.16
C LEU B 494 -9.55 20.95 -34.50
N ARG B 495 -9.05 19.92 -35.20
CA ARG B 495 -9.10 18.53 -34.74
C ARG B 495 -8.12 18.25 -33.59
N GLN B 496 -7.28 19.24 -33.24
CA GLN B 496 -6.27 19.06 -32.23
C GLN B 496 -6.87 19.42 -30.86
N THR B 497 -7.25 18.39 -30.10
CA THR B 497 -8.01 18.60 -28.88
C THR B 497 -7.33 17.97 -27.67
N HIS B 498 -7.83 18.38 -26.52
CA HIS B 498 -7.32 17.98 -25.22
C HIS B 498 -8.53 17.73 -24.32
N GLN B 499 -8.40 16.69 -23.48
CA GLN B 499 -9.32 16.49 -22.38
C GLN B 499 -8.78 17.28 -21.20
N THR B 500 -9.65 18.08 -20.58
CA THR B 500 -9.25 18.87 -19.44
C THR B 500 -10.30 18.68 -18.35
N GLU B 501 -9.82 18.54 -17.11
CA GLU B 501 -10.66 18.53 -15.92
C GLU B 501 -10.78 19.96 -15.41
N LEU B 502 -12.02 20.46 -15.33
CA LEU B 502 -12.32 21.72 -14.65
C LEU B 502 -12.76 21.40 -13.22
N ASP B 503 -11.98 21.84 -12.23
CA ASP B 503 -12.38 21.67 -10.85
C ASP B 503 -13.44 22.72 -10.52
N LEU B 504 -14.55 22.28 -9.90
CA LEU B 504 -15.62 23.17 -9.47
C LEU B 504 -15.51 23.44 -7.97
N THR B 505 -14.42 22.99 -7.35
CA THR B 505 -14.39 22.68 -5.93
C THR B 505 -13.13 21.89 -5.59
N ARG B 513 -10.64 22.60 10.40
CA ARG B 513 -11.18 21.21 10.40
C ARG B 513 -12.70 21.24 10.59
N LEU B 514 -13.41 21.34 9.45
CA LEU B 514 -14.87 21.31 9.44
C LEU B 514 -15.37 19.90 9.74
N PRO B 515 -16.58 19.74 10.32
CA PRO B 515 -17.13 18.40 10.62
C PRO B 515 -17.13 17.39 9.48
N ASP B 516 -16.80 16.15 9.81
CA ASP B 516 -16.86 15.04 8.87
C ASP B 516 -18.33 14.64 8.64
N ALA B 517 -18.54 13.67 7.75
CA ALA B 517 -19.87 13.25 7.33
C ALA B 517 -20.74 12.93 8.54
N TYR B 518 -20.25 12.01 9.39
CA TYR B 518 -21.03 11.53 10.54
C TYR B 518 -21.35 12.66 11.51
N GLU B 519 -20.34 13.50 11.80
CA GLU B 519 -20.52 14.64 12.67
C GLU B 519 -21.58 15.61 12.15
N SER B 520 -21.63 15.83 10.82
CA SER B 520 -22.59 16.77 10.27
C SER B 520 -24.00 16.24 10.47
N LEU B 521 -24.17 14.93 10.45
CA LEU B 521 -25.50 14.34 10.60
C LEU B 521 -26.01 14.50 12.03
N ILE B 522 -25.17 14.21 13.03
CA ILE B 522 -25.57 14.38 14.43
C ILE B 522 -25.95 15.85 14.67
N ASN B 523 -25.15 16.78 14.13
CA ASN B 523 -25.37 18.20 14.30
C ASN B 523 -26.72 18.57 13.72
N ASP B 524 -26.98 18.08 12.51
CA ASP B 524 -28.27 18.24 11.85
C ASP B 524 -29.40 17.73 12.74
N ALA B 525 -29.20 16.59 13.41
CA ALA B 525 -30.21 16.06 14.27
C ALA B 525 -30.48 17.05 15.41
N LEU B 526 -29.42 17.68 15.91
CA LEU B 526 -29.52 18.62 17.02
C LEU B 526 -30.24 19.90 16.60
N LEU B 527 -30.20 20.25 15.30
CA LEU B 527 -30.82 21.47 14.79
C LEU B 527 -32.21 21.18 14.24
N GLY B 528 -32.59 19.91 14.10
CA GLY B 528 -33.93 19.57 13.63
C GLY B 528 -34.01 19.46 12.10
N ASN B 529 -32.86 19.24 11.44
CA ASN B 529 -32.85 19.12 9.99
C ASN B 529 -32.77 17.65 9.58
N SER B 530 -33.86 17.14 8.98
CA SER B 530 -34.00 15.71 8.69
C SER B 530 -33.81 15.37 7.21
N THR B 531 -33.22 16.30 6.44
CA THR B 531 -33.05 16.18 4.99
C THR B 531 -32.34 14.89 4.60
N ASN B 532 -31.23 14.61 5.29
CA ASN B 532 -30.31 13.54 4.97
C ASN B 532 -30.58 12.29 5.81
N PHE B 533 -31.83 12.13 6.31
CA PHE B 533 -32.27 10.94 7.03
C PHE B 533 -33.41 10.31 6.25
N VAL B 534 -33.42 8.98 6.14
CA VAL B 534 -34.42 8.30 5.34
C VAL B 534 -35.76 8.33 6.07
N ARG B 535 -36.83 8.70 5.36
CA ARG B 535 -38.16 8.82 5.93
C ARG B 535 -38.91 7.50 5.77
N LYS B 536 -39.88 7.26 6.66
CA LYS B 536 -40.58 5.98 6.77
C LYS B 536 -41.12 5.51 5.43
N ASP B 537 -41.73 6.44 4.66
CA ASP B 537 -42.31 6.11 3.36
C ASP B 537 -41.19 5.80 2.36
N GLU B 538 -40.13 6.61 2.44
CA GLU B 538 -38.95 6.44 1.62
C GLU B 538 -38.32 5.07 1.86
N LEU B 539 -38.24 4.66 3.12
CA LEU B 539 -37.64 3.37 3.48
C LEU B 539 -38.39 2.22 2.81
N ASP B 540 -39.72 2.21 2.97
CA ASP B 540 -40.56 1.17 2.42
C ASP B 540 -40.38 1.06 0.90
N VAL B 541 -40.36 2.19 0.22
CA VAL B 541 -40.23 2.20 -1.22
C VAL B 541 -38.87 1.61 -1.60
N ALA B 542 -37.82 2.11 -0.94
CA ALA B 542 -36.49 1.54 -1.11
C ALA B 542 -36.54 0.02 -0.94
N TRP B 543 -37.21 -0.51 0.10
CA TRP B 543 -37.13 -1.94 0.31
C TRP B 543 -37.79 -2.71 -0.83
N ARG B 544 -38.80 -2.09 -1.47
CA ARG B 544 -39.59 -2.76 -2.50
C ARG B 544 -38.78 -2.88 -3.79
N ILE B 545 -37.80 -1.99 -3.98
CA ILE B 545 -36.91 -2.04 -5.13
C ILE B 545 -36.00 -3.27 -5.02
N PHE B 546 -35.66 -3.66 -3.79
CA PHE B 546 -34.58 -4.61 -3.61
C PHE B 546 -35.05 -5.99 -3.16
N THR B 547 -36.22 -6.07 -2.55
CA THR B 547 -36.61 -7.27 -1.81
C THR B 547 -36.66 -8.49 -2.73
N PRO B 548 -37.25 -8.41 -3.94
CA PRO B 548 -37.27 -9.57 -4.85
C PRO B 548 -35.88 -10.05 -5.23
N LEU B 549 -34.95 -9.12 -5.49
CA LEU B 549 -33.59 -9.53 -5.82
C LEU B 549 -33.00 -10.27 -4.62
N LEU B 550 -33.21 -9.72 -3.42
CA LEU B 550 -32.61 -10.31 -2.24
C LEU B 550 -33.15 -11.72 -2.04
N HIS B 551 -34.43 -11.91 -2.39
CA HIS B 551 -35.11 -13.18 -2.26
C HIS B 551 -34.54 -14.17 -3.27
N GLN B 552 -34.34 -13.73 -4.52
CA GLN B 552 -33.76 -14.57 -5.55
C GLN B 552 -32.32 -14.97 -5.20
N ILE B 553 -31.67 -14.20 -4.33
CA ILE B 553 -30.29 -14.48 -3.96
C ILE B 553 -30.26 -15.50 -2.84
N ASP B 554 -31.19 -15.34 -1.88
CA ASP B 554 -31.31 -16.26 -0.75
C ASP B 554 -31.89 -17.60 -1.21
N SER B 555 -32.59 -17.60 -2.36
CA SER B 555 -33.11 -18.80 -3.00
C SER B 555 -32.07 -19.44 -3.93
N GLY B 556 -30.91 -18.81 -4.10
CA GLY B 556 -29.76 -19.43 -4.71
C GLY B 556 -29.68 -19.25 -6.23
N GLU B 557 -30.42 -18.29 -6.78
CA GLU B 557 -30.55 -18.13 -8.22
C GLU B 557 -29.46 -17.24 -8.80
N ILE B 558 -28.60 -16.65 -7.95
CA ILE B 558 -27.41 -15.96 -8.39
C ILE B 558 -26.28 -16.24 -7.41
N LYS B 559 -25.17 -16.72 -7.94
CA LYS B 559 -24.02 -17.09 -7.12
C LYS B 559 -22.94 -16.04 -7.27
N PRO B 560 -22.18 -15.75 -6.20
CA PRO B 560 -21.11 -14.77 -6.26
C PRO B 560 -19.97 -15.34 -7.09
N ILE B 561 -19.30 -14.47 -7.85
CA ILE B 561 -18.10 -14.85 -8.57
C ILE B 561 -16.93 -14.58 -7.64
N PRO B 562 -16.01 -15.56 -7.44
CA PRO B 562 -14.80 -15.35 -6.67
C PRO B 562 -13.92 -14.26 -7.27
N TYR B 563 -13.30 -13.47 -6.40
CA TYR B 563 -12.32 -12.51 -6.84
C TYR B 563 -11.28 -12.32 -5.74
N GLN B 564 -10.03 -12.21 -6.18
CA GLN B 564 -8.94 -11.93 -5.26
C GLN B 564 -9.14 -10.56 -4.60
N ALA B 565 -9.07 -10.55 -3.27
CA ALA B 565 -9.05 -9.31 -2.52
C ALA B 565 -7.92 -8.41 -3.01
N GLY B 566 -8.25 -7.15 -3.31
CA GLY B 566 -7.27 -6.18 -3.81
C GLY B 566 -7.34 -5.95 -5.33
N THR B 567 -8.10 -6.79 -6.05
CA THR B 567 -8.41 -6.55 -7.44
C THR B 567 -9.68 -5.72 -7.52
N ARG B 568 -10.09 -5.37 -8.74
CA ARG B 568 -11.28 -4.57 -9.00
C ARG B 568 -12.56 -5.36 -8.73
N GLY B 569 -12.49 -6.68 -8.61
CA GLY B 569 -13.68 -7.49 -8.48
C GLY B 569 -13.81 -8.44 -9.67
N PRO B 570 -14.94 -9.14 -9.81
CA PRO B 570 -15.10 -10.12 -10.88
C PRO B 570 -15.02 -9.45 -12.25
N LYS B 571 -14.44 -10.13 -13.25
CA LYS B 571 -14.25 -9.51 -14.55
C LYS B 571 -15.62 -9.24 -15.19
N GLU B 572 -16.59 -10.10 -14.86
CA GLU B 572 -17.93 -10.01 -15.41
C GLU B 572 -18.59 -8.69 -15.02
N ALA B 573 -18.17 -8.08 -13.90
CA ALA B 573 -18.80 -6.86 -13.43
C ALA B 573 -18.44 -5.67 -14.31
N ASP B 574 -17.14 -5.49 -14.60
CA ASP B 574 -16.68 -4.46 -15.51
C ASP B 574 -17.23 -4.64 -16.93
N GLU B 575 -17.46 -5.89 -17.36
CA GLU B 575 -18.08 -6.15 -18.64
C GLU B 575 -19.56 -5.76 -18.57
N PHE B 576 -20.24 -6.13 -17.46
CA PHE B 576 -21.59 -5.71 -17.18
C PHE B 576 -21.77 -4.20 -17.30
N ILE B 577 -20.80 -3.43 -16.78
CA ILE B 577 -20.88 -1.97 -16.82
C ILE B 577 -20.72 -1.49 -18.27
N ALA B 578 -19.84 -2.15 -19.04
CA ALA B 578 -19.60 -1.80 -20.44
C ALA B 578 -20.81 -2.17 -21.30
N ASN B 579 -21.58 -3.19 -20.89
CA ASN B 579 -22.75 -3.64 -21.63
C ASN B 579 -24.00 -2.85 -21.29
N ASN B 580 -23.90 -1.91 -20.32
CA ASN B 580 -25.03 -1.11 -19.90
C ASN B 580 -24.68 0.38 -19.92
N GLY B 581 -24.02 0.85 -20.98
CA GLY B 581 -24.02 2.27 -21.27
C GLY B 581 -22.66 2.96 -21.10
N PHE B 582 -21.76 2.38 -20.33
CA PHE B 582 -20.49 3.04 -20.06
C PHE B 582 -19.50 2.79 -21.19
N LYS B 583 -18.74 3.83 -21.58
CA LYS B 583 -17.62 3.69 -22.49
C LYS B 583 -16.36 4.21 -21.82
N HIS B 584 -15.26 3.48 -21.96
CA HIS B 584 -14.00 3.90 -21.34
C HIS B 584 -13.33 4.96 -22.23
N GLN B 585 -12.48 5.79 -21.61
CA GLN B 585 -11.57 6.66 -22.34
C GLN B 585 -12.01 6.78 -23.81
C1 BG6 C . 27.88 -11.87 -9.56
C2 BG6 C . 26.48 -11.28 -9.44
O1 BG6 C . 27.93 -13.23 -9.21
O5 BG6 C . 28.79 -11.13 -8.74
C3 BG6 C . 26.51 -9.83 -9.82
O2 BG6 C . 25.51 -12.00 -10.19
C4 BG6 C . 27.47 -9.10 -8.91
O3 BG6 C . 25.20 -9.26 -9.73
C5 BG6 C . 28.85 -9.70 -9.04
O4 BG6 C . 27.53 -7.72 -9.24
C6 BG6 C . 29.84 -9.05 -8.12
O6 BG6 C . 30.09 -7.69 -8.57
P BG6 C . 31.60 -7.13 -8.72
O1P BG6 C . 31.78 -6.20 -7.52
O2P BG6 C . 31.65 -6.40 -10.06
O3P BG6 C . 32.55 -8.33 -8.68
C1 GOL D . 7.30 -8.41 1.73
O1 GOL D . 7.61 -7.03 1.74
C2 GOL D . 6.90 -8.93 0.37
O2 GOL D . 7.68 -10.08 0.06
C3 GOL D . 5.43 -9.32 0.27
O3 GOL D . 5.06 -9.85 -1.00
C1 EDO E . 24.99 0.56 -35.27
O1 EDO E . 24.65 -0.32 -36.33
C2 EDO E . 24.05 0.58 -34.12
O2 EDO E . 24.06 -0.52 -33.29
C1 EDO F . 10.08 -11.01 3.70
O1 EDO F . 10.20 -12.12 2.83
C2 EDO F . 11.37 -10.44 4.17
O2 EDO F . 11.22 -9.21 4.85
C1 EDO G . 16.84 -4.00 2.96
O1 EDO G . 16.72 -5.37 2.75
C2 EDO G . 15.63 -3.43 3.61
O2 EDO G . 15.67 -2.07 3.97
C1 PEG H . -10.68 -17.04 -7.00
O1 PEG H . -10.65 -15.80 -6.27
C2 PEG H . -10.58 -18.26 -6.13
O2 PEG H . -11.79 -19.03 -6.15
C3 PEG H . -12.09 -19.69 -4.92
C4 PEG H . -13.59 -19.88 -4.76
O4 PEG H . -14.18 -19.01 -3.79
C1 GOL I . -20.40 -9.73 -20.47
O1 GOL I . -19.71 -10.76 -19.75
C2 GOL I . -20.01 -9.65 -21.94
O2 GOL I . -21.14 -10.03 -22.73
C3 GOL I . -19.51 -8.30 -22.42
O3 GOL I . -18.10 -8.22 -22.59
C1 EDO J . -19.48 15.29 -25.26
O1 EDO J . -20.16 14.70 -24.19
C2 EDO J . -18.46 14.46 -25.92
O2 EDO J . -18.36 14.62 -27.30
#